data_2KAJ
#
_entry.id   2KAJ
#
loop_
_entity.id
_entity.type
_entity.pdbx_description
1 polymer Ferredoxin-1
2 non-polymer 'GALLIUM (III) ION'
#
_entity_poly.entity_id   1
_entity_poly.type   'polypeptide(L)'
_entity_poly.pdbx_seq_one_letter_code
;ASYTVKLITPDGESSIECSDDTYILDAAEEAGLDLPYSCRAGACSTCAGKITAGSVDQSDQSFLDDDQIEAGYVLTCVAY
PTSDCTIETHKEEDLY
;
_entity_poly.pdbx_strand_id   A
#
loop_
_chem_comp.id
_chem_comp.type
_chem_comp.name
_chem_comp.formula
GA non-polymer 'GALLIUM (III) ION' 'Ga 3'
#
# COMPACT_ATOMS: atom_id res chain seq x y z
N ALA A 1 3.37 -10.79 13.82
CA ALA A 1 2.20 -11.50 13.33
C ALA A 1 1.81 -11.03 11.93
N SER A 2 2.62 -11.39 10.95
CA SER A 2 2.36 -11.00 9.57
C SER A 2 1.00 -11.51 9.10
N TYR A 3 0.35 -10.74 8.24
CA TYR A 3 -0.97 -11.10 7.72
C TYR A 3 -0.95 -11.17 6.20
N THR A 4 -1.86 -11.96 5.64
CA THR A 4 -1.95 -12.11 4.19
C THR A 4 -2.31 -10.79 3.52
N VAL A 5 -1.34 -10.21 2.81
CA VAL A 5 -1.55 -8.95 2.12
C VAL A 5 -1.70 -9.17 0.62
N LYS A 6 -2.93 -9.05 0.13
CA LYS A 6 -3.21 -9.23 -1.29
C LYS A 6 -2.82 -7.99 -2.09
N LEU A 7 -1.89 -8.16 -3.01
CA LEU A 7 -1.43 -7.05 -3.84
C LEU A 7 -1.94 -7.18 -5.27
N ILE A 8 -3.09 -6.59 -5.55
CA ILE A 8 -3.68 -6.64 -6.88
C ILE A 8 -2.86 -5.85 -7.88
N THR A 9 -2.57 -6.46 -9.03
CA THR A 9 -1.78 -5.83 -10.07
C THR A 9 -2.28 -6.21 -11.46
N PRO A 10 -2.06 -5.32 -12.44
CA PRO A 10 -2.49 -5.54 -13.82
C PRO A 10 -1.68 -6.64 -14.50
N ASP A 11 -0.64 -7.11 -13.83
CA ASP A 11 0.21 -8.17 -14.36
C ASP A 11 0.00 -9.47 -13.61
N GLY A 12 -1.11 -9.56 -12.88
CA GLY A 12 -1.41 -10.75 -12.12
C GLY A 12 -1.81 -10.45 -10.69
N GLU A 13 -2.01 -11.50 -9.89
CA GLU A 13 -2.41 -11.33 -8.50
C GLU A 13 -1.45 -12.07 -7.57
N SER A 14 -0.75 -11.31 -6.73
CA SER A 14 0.20 -11.88 -5.79
C SER A 14 -0.31 -11.75 -4.35
N SER A 15 0.38 -12.41 -3.42
CA SER A 15 0.00 -12.36 -2.02
C SER A 15 1.23 -12.41 -1.12
N ILE A 16 1.63 -11.25 -0.61
CA ILE A 16 2.80 -11.16 0.26
C ILE A 16 2.38 -11.04 1.73
N GLU A 17 3.28 -11.42 2.63
CA GLU A 17 3.01 -11.35 4.06
C GLU A 17 3.69 -10.14 4.69
N CYS A 18 2.89 -9.21 5.20
CA CYS A 18 3.42 -8.00 5.82
C CYS A 18 3.09 -7.98 7.31
N SER A 19 3.97 -7.38 8.10
CA SER A 19 3.78 -7.30 9.54
C SER A 19 3.11 -5.97 9.93
N ASP A 20 2.63 -5.89 11.16
CA ASP A 20 1.97 -4.69 11.64
C ASP A 20 2.97 -3.56 11.83
N ASP A 21 4.22 -3.92 12.10
CA ASP A 21 5.27 -2.93 12.31
C ASP A 21 6.20 -2.87 11.10
N THR A 22 5.62 -2.95 9.90
CA THR A 22 6.38 -2.91 8.67
C THR A 22 5.58 -2.28 7.54
N TYR A 23 6.27 -1.94 6.45
CA TYR A 23 5.61 -1.31 5.30
C TYR A 23 5.29 -2.35 4.23
N ILE A 24 4.10 -2.25 3.66
CA ILE A 24 3.67 -3.19 2.61
C ILE A 24 4.63 -3.16 1.44
N LEU A 25 5.21 -2.00 1.18
CA LEU A 25 6.15 -1.85 0.07
C LEU A 25 7.40 -2.69 0.29
N ASP A 26 8.06 -2.48 1.42
CA ASP A 26 9.26 -3.23 1.76
C ASP A 26 9.02 -4.74 1.63
N ALA A 27 7.89 -5.19 2.15
CA ALA A 27 7.53 -6.60 2.09
C ALA A 27 7.30 -7.06 0.66
N ALA A 28 6.91 -6.11 -0.20
CA ALA A 28 6.66 -6.41 -1.60
C ALA A 28 7.95 -6.48 -2.39
N GLU A 29 8.71 -5.39 -2.39
CA GLU A 29 9.97 -5.32 -3.11
C GLU A 29 10.92 -6.42 -2.64
N GLU A 30 10.85 -6.74 -1.35
CA GLU A 30 11.71 -7.76 -0.77
C GLU A 30 11.46 -9.12 -1.43
N ALA A 31 10.21 -9.35 -1.82
CA ALA A 31 9.84 -10.60 -2.47
C ALA A 31 9.99 -10.51 -3.98
N GLY A 32 9.94 -9.30 -4.50
CA GLY A 32 10.09 -9.10 -5.93
C GLY A 32 8.78 -8.71 -6.60
N LEU A 33 7.88 -8.12 -5.82
CA LEU A 33 6.58 -7.71 -6.35
C LEU A 33 6.74 -6.60 -7.39
N ASP A 34 7.76 -5.76 -7.21
CA ASP A 34 8.02 -4.67 -8.12
C ASP A 34 6.81 -3.76 -8.24
N LEU A 35 6.43 -3.12 -7.14
CA LEU A 35 5.28 -2.22 -7.13
C LEU A 35 5.68 -0.81 -7.54
N PRO A 36 4.69 -0.01 -7.95
CA PRO A 36 4.91 1.38 -8.39
C PRO A 36 5.29 2.28 -7.22
N TYR A 37 6.60 2.39 -6.97
CA TYR A 37 7.09 3.23 -5.88
C TYR A 37 8.27 4.07 -6.34
N SER A 38 8.48 5.21 -5.68
CA SER A 38 9.58 6.10 -6.02
C SER A 38 10.34 6.53 -4.78
N CYS A 39 9.62 7.15 -3.83
CA CYS A 39 10.24 7.61 -2.60
C CYS A 39 10.40 6.46 -1.60
N ARG A 40 9.49 5.49 -1.69
CA ARG A 40 9.53 4.34 -0.80
C ARG A 40 9.94 4.75 0.62
N ALA A 41 9.38 5.85 1.08
CA ALA A 41 9.68 6.36 2.42
C ALA A 41 8.44 6.93 3.08
N GLY A 42 7.62 7.62 2.30
CA GLY A 42 6.40 8.21 2.84
C GLY A 42 6.30 9.69 2.54
N ALA A 43 6.09 10.03 1.27
CA ALA A 43 5.97 11.42 0.87
C ALA A 43 5.59 11.53 -0.61
N CYS A 44 4.66 10.67 -1.04
CA CYS A 44 4.21 10.67 -2.42
C CYS A 44 2.83 10.01 -2.53
N SER A 45 2.38 9.80 -3.77
CA SER A 45 1.10 9.18 -4.02
C SER A 45 1.21 8.03 -5.00
N THR A 46 2.43 7.82 -5.50
CA THR A 46 2.69 6.74 -6.45
C THR A 46 2.60 5.38 -5.79
N CYS A 47 2.87 5.35 -4.48
CA CYS A 47 2.83 4.11 -3.72
C CYS A 47 1.42 3.84 -3.19
N ALA A 48 0.55 4.84 -3.30
CA ALA A 48 -0.83 4.71 -2.84
C ALA A 48 -1.53 3.56 -3.54
N GLY A 49 -2.32 2.81 -2.77
CA GLY A 49 -3.05 1.68 -3.33
C GLY A 49 -4.48 1.62 -2.85
N LYS A 50 -5.41 1.56 -3.80
CA LYS A 50 -6.84 1.49 -3.47
C LYS A 50 -7.13 0.29 -2.58
N ILE A 51 -7.50 0.55 -1.33
CA ILE A 51 -7.82 -0.50 -0.38
C ILE A 51 -9.31 -0.51 -0.04
N THR A 52 -9.88 -1.71 0.04
CA THR A 52 -11.29 -1.87 0.36
C THR A 52 -11.63 -3.31 0.70
N ALA A 53 -10.71 -3.97 1.41
CA ALA A 53 -10.91 -5.36 1.81
C ALA A 53 -10.04 -5.71 3.00
N GLY A 54 -9.79 -4.73 3.87
CA GLY A 54 -8.97 -4.96 5.04
C GLY A 54 -8.81 -3.71 5.88
N SER A 55 -7.56 -3.32 6.12
CA SER A 55 -7.27 -2.14 6.92
C SER A 55 -5.77 -1.91 7.03
N VAL A 56 -5.38 -0.65 7.22
CA VAL A 56 -3.98 -0.29 7.33
C VAL A 56 -3.79 0.94 8.21
N ASP A 57 -2.54 1.26 8.52
CA ASP A 57 -2.23 2.43 9.35
C ASP A 57 -1.19 3.31 8.68
N GLN A 58 -1.61 4.48 8.21
CA GLN A 58 -0.72 5.42 7.54
C GLN A 58 -0.68 6.75 8.28
N SER A 59 -0.11 6.74 9.48
CA SER A 59 -0.01 7.95 10.29
C SER A 59 1.35 8.61 10.12
N ASP A 60 2.07 8.21 9.07
CA ASP A 60 3.39 8.75 8.79
C ASP A 60 3.40 9.49 7.47
N GLN A 61 2.46 9.14 6.59
CA GLN A 61 2.36 9.77 5.28
C GLN A 61 2.34 11.29 5.40
N SER A 62 2.61 11.97 4.29
CA SER A 62 2.63 13.43 4.27
C SER A 62 2.17 13.96 2.92
N PHE A 63 1.37 13.17 2.22
CA PHE A 63 0.85 13.55 0.91
C PHE A 63 -0.66 13.69 0.94
N LEU A 64 -1.34 12.61 1.26
CA LEU A 64 -2.80 12.60 1.32
C LEU A 64 -3.30 13.57 2.39
N ASP A 65 -4.59 13.86 2.36
CA ASP A 65 -5.21 14.77 3.33
C ASP A 65 -6.38 14.11 4.04
N ASP A 66 -7.43 13.82 3.28
CA ASP A 66 -8.62 13.19 3.84
C ASP A 66 -9.47 12.55 2.74
N ASP A 67 -9.58 13.25 1.60
CA ASP A 67 -10.36 12.76 0.48
C ASP A 67 -9.66 11.57 -0.18
N GLN A 68 -8.34 11.63 -0.22
CA GLN A 68 -7.55 10.56 -0.84
C GLN A 68 -7.71 9.25 -0.07
N ILE A 69 -7.46 9.30 1.23
CA ILE A 69 -7.58 8.11 2.08
C ILE A 69 -9.00 7.57 2.05
N GLU A 70 -9.97 8.47 1.99
CA GLU A 70 -11.38 8.08 1.96
C GLU A 70 -11.66 7.14 0.79
N ALA A 71 -11.09 7.45 -0.36
CA ALA A 71 -11.27 6.63 -1.55
C ALA A 71 -10.68 5.23 -1.36
N GLY A 72 -9.55 5.17 -0.65
CA GLY A 72 -8.91 3.89 -0.40
C GLY A 72 -7.43 3.92 -0.73
N TYR A 73 -6.99 4.99 -1.37
CA TYR A 73 -5.58 5.13 -1.74
C TYR A 73 -4.69 5.19 -0.50
N VAL A 74 -4.00 4.09 -0.22
CA VAL A 74 -3.12 4.02 0.94
C VAL A 74 -1.66 3.86 0.50
N LEU A 75 -0.82 4.76 0.96
CA LEU A 75 0.61 4.72 0.63
C LEU A 75 1.25 3.44 1.13
N THR A 76 1.55 2.53 0.21
CA THR A 76 2.17 1.26 0.57
C THR A 76 3.57 1.47 1.14
N CYS A 77 4.15 2.62 0.84
CA CYS A 77 5.49 2.95 1.33
C CYS A 77 5.45 3.38 2.79
N VAL A 78 4.24 3.46 3.34
CA VAL A 78 4.06 3.85 4.73
C VAL A 78 2.72 3.38 5.28
N ALA A 79 2.41 2.11 5.02
CA ALA A 79 1.15 1.52 5.48
C ALA A 79 1.41 0.35 6.42
N TYR A 80 0.67 0.29 7.52
CA TYR A 80 0.81 -0.78 8.49
C TYR A 80 -0.43 -1.66 8.52
N PRO A 81 -0.42 -2.72 7.71
CA PRO A 81 -1.54 -3.67 7.63
C PRO A 81 -1.68 -4.51 8.89
N THR A 82 -2.37 -3.96 9.89
CA THR A 82 -2.58 -4.67 11.15
C THR A 82 -3.19 -6.04 10.92
N SER A 83 -3.92 -6.19 9.81
CA SER A 83 -4.56 -7.44 9.47
C SER A 83 -4.62 -7.65 7.97
N ASP A 84 -5.16 -8.79 7.54
CA ASP A 84 -5.26 -9.10 6.12
C ASP A 84 -5.91 -7.94 5.36
N CYS A 85 -5.43 -7.71 4.15
CA CYS A 85 -5.96 -6.63 3.31
C CYS A 85 -5.72 -6.92 1.83
N THR A 86 -6.36 -6.13 0.97
CA THR A 86 -6.22 -6.30 -0.48
C THR A 86 -5.92 -4.97 -1.15
N ILE A 87 -4.69 -4.51 -1.02
CA ILE A 87 -4.28 -3.25 -1.63
C ILE A 87 -4.25 -3.36 -3.15
N GLU A 88 -4.91 -2.41 -3.82
CA GLU A 88 -4.95 -2.40 -5.27
C GLU A 88 -3.92 -1.44 -5.84
N THR A 89 -2.75 -1.96 -6.19
CA THR A 89 -1.68 -1.14 -6.75
C THR A 89 -2.12 -0.49 -8.06
N HIS A 90 -1.25 0.37 -8.60
CA HIS A 90 -1.54 1.06 -9.84
C HIS A 90 -2.82 1.89 -9.72
N LYS A 91 -2.86 2.77 -8.73
CA LYS A 91 -4.03 3.62 -8.50
C LYS A 91 -3.62 4.96 -7.91
N GLU A 92 -2.75 5.68 -8.61
CA GLU A 92 -2.28 6.98 -8.15
C GLU A 92 -2.68 8.08 -9.13
N GLU A 93 -2.87 7.70 -10.39
CA GLU A 93 -3.26 8.67 -11.41
C GLU A 93 -4.58 9.34 -11.05
N ASP A 94 -5.38 8.67 -10.21
CA ASP A 94 -6.66 9.21 -9.80
C ASP A 94 -6.50 10.60 -9.20
N LEU A 95 -5.42 10.81 -8.46
CA LEU A 95 -5.15 12.10 -7.84
C LEU A 95 -4.70 13.12 -8.88
N TYR A 96 -3.58 12.85 -9.53
CA TYR A 96 -3.04 13.75 -10.54
C TYR A 96 -4.04 13.94 -11.68
GA GA B . 5.96 6.59 -1.63
N ALA A 1 3.57 -10.45 14.05
CA ALA A 1 2.38 -11.06 13.48
C ALA A 1 2.06 -10.46 12.12
N SER A 2 2.41 -11.18 11.06
CA SER A 2 2.15 -10.72 9.70
C SER A 2 0.81 -11.23 9.19
N TYR A 3 0.22 -10.50 8.24
CA TYR A 3 -1.06 -10.87 7.68
C TYR A 3 -1.00 -10.89 6.15
N THR A 4 -1.77 -11.79 5.54
CA THR A 4 -1.80 -11.90 4.08
C THR A 4 -2.18 -10.57 3.44
N VAL A 5 -1.34 -10.10 2.54
CA VAL A 5 -1.59 -8.83 1.84
C VAL A 5 -1.72 -9.05 0.34
N LYS A 6 -2.94 -8.94 -0.17
CA LYS A 6 -3.21 -9.12 -1.58
C LYS A 6 -2.86 -7.86 -2.37
N LEU A 7 -1.81 -7.95 -3.19
CA LEU A 7 -1.36 -6.81 -3.98
C LEU A 7 -1.81 -6.97 -5.44
N ILE A 8 -3.00 -6.47 -5.74
CA ILE A 8 -3.53 -6.56 -7.10
C ILE A 8 -2.67 -5.78 -8.09
N THR A 9 -2.33 -6.42 -9.20
CA THR A 9 -1.51 -5.79 -10.23
C THR A 9 -1.99 -6.16 -11.63
N PRO A 10 -1.73 -5.27 -12.60
CA PRO A 10 -2.12 -5.48 -13.99
C PRO A 10 -1.32 -6.60 -14.66
N ASP A 11 -0.31 -7.08 -13.96
CA ASP A 11 0.53 -8.16 -14.48
C ASP A 11 0.28 -9.46 -13.72
N GLY A 12 -0.85 -9.53 -13.03
CA GLY A 12 -1.18 -10.73 -12.27
C GLY A 12 -1.60 -10.40 -10.85
N GLU A 13 -1.79 -11.45 -10.05
CA GLU A 13 -2.20 -11.27 -8.66
C GLU A 13 -1.19 -11.91 -7.71
N SER A 14 -0.62 -11.10 -6.82
CA SER A 14 0.36 -11.58 -5.87
C SER A 14 -0.16 -11.44 -4.44
N SER A 15 0.47 -12.16 -3.52
CA SER A 15 0.08 -12.12 -2.11
C SER A 15 1.30 -12.26 -1.20
N ILE A 16 1.69 -11.14 -0.60
CA ILE A 16 2.84 -11.12 0.30
C ILE A 16 2.40 -10.95 1.75
N GLU A 17 3.21 -11.47 2.67
CA GLU A 17 2.91 -11.37 4.09
C GLU A 17 3.62 -10.18 4.72
N CYS A 18 2.86 -9.17 5.12
CA CYS A 18 3.43 -7.98 5.74
C CYS A 18 3.11 -7.94 7.24
N SER A 19 3.93 -7.23 7.99
CA SER A 19 3.74 -7.10 9.43
C SER A 19 3.22 -5.72 9.80
N ASP A 20 2.53 -5.64 10.93
CA ASP A 20 1.98 -4.38 11.40
C ASP A 20 3.08 -3.32 11.55
N ASP A 21 4.24 -3.75 12.01
CA ASP A 21 5.37 -2.85 12.20
C ASP A 21 6.28 -2.86 10.98
N THR A 22 5.68 -2.87 9.80
CA THR A 22 6.43 -2.88 8.55
C THR A 22 5.65 -2.21 7.43
N TYR A 23 6.34 -1.90 6.33
CA TYR A 23 5.71 -1.24 5.20
C TYR A 23 5.42 -2.24 4.09
N ILE A 24 4.19 -2.21 3.58
CA ILE A 24 3.78 -3.12 2.51
C ILE A 24 4.76 -3.07 1.34
N LEU A 25 5.38 -1.92 1.16
CA LEU A 25 6.36 -1.73 0.07
C LEU A 25 7.60 -2.58 0.31
N ASP A 26 8.15 -2.49 1.52
CA ASP A 26 9.35 -3.24 1.88
C ASP A 26 9.10 -4.74 1.73
N ALA A 27 7.94 -5.19 2.17
CA ALA A 27 7.58 -6.60 2.08
C ALA A 27 7.34 -7.03 0.64
N ALA A 28 6.89 -6.08 -0.18
CA ALA A 28 6.62 -6.35 -1.58
C ALA A 28 7.91 -6.43 -2.38
N GLU A 29 8.66 -5.33 -2.42
CA GLU A 29 9.92 -5.30 -3.15
C GLU A 29 10.84 -6.43 -2.73
N GLU A 30 10.81 -6.76 -1.44
CA GLU A 30 11.64 -7.83 -0.90
C GLU A 30 11.28 -9.17 -1.54
N ALA A 31 9.99 -9.39 -1.75
CA ALA A 31 9.50 -10.62 -2.34
C ALA A 31 9.70 -10.62 -3.85
N GLY A 32 9.68 -9.42 -4.44
CA GLY A 32 9.86 -9.29 -5.87
C GLY A 32 8.61 -8.81 -6.57
N LEU A 33 7.73 -8.16 -5.81
CA LEU A 33 6.48 -7.64 -6.36
C LEU A 33 6.75 -6.52 -7.37
N ASP A 34 7.72 -5.67 -7.06
CA ASP A 34 8.07 -4.57 -7.94
C ASP A 34 6.90 -3.60 -8.11
N LEU A 35 6.47 -3.00 -7.01
CA LEU A 35 5.36 -2.06 -7.04
C LEU A 35 5.83 -0.68 -7.48
N PRO A 36 4.88 0.15 -7.94
CA PRO A 36 5.16 1.51 -8.39
C PRO A 36 5.56 2.43 -7.24
N TYR A 37 6.80 2.30 -6.79
CA TYR A 37 7.31 3.13 -5.69
C TYR A 37 8.46 4.00 -6.15
N SER A 38 8.69 5.10 -5.44
CA SER A 38 9.76 6.03 -5.78
C SER A 38 10.37 6.63 -4.52
N CYS A 39 9.52 7.00 -3.58
CA CYS A 39 9.97 7.60 -2.32
C CYS A 39 10.26 6.53 -1.28
N ARG A 40 9.47 5.46 -1.31
CA ARG A 40 9.64 4.35 -0.36
C ARG A 40 9.99 4.88 1.02
N ALA A 41 9.32 5.95 1.43
CA ALA A 41 9.56 6.55 2.74
C ALA A 41 8.30 7.21 3.29
N GLY A 42 7.56 7.86 2.40
CA GLY A 42 6.34 8.53 2.81
C GLY A 42 6.27 9.96 2.34
N ALA A 43 6.05 10.15 1.04
CA ALA A 43 5.96 11.48 0.46
C ALA A 43 5.66 11.42 -1.04
N CYS A 44 4.81 10.49 -1.43
CA CYS A 44 4.44 10.33 -2.82
C CYS A 44 3.06 9.69 -2.95
N SER A 45 2.61 9.52 -4.19
CA SER A 45 1.29 8.92 -4.45
C SER A 45 1.38 7.91 -5.58
N THR A 46 2.60 7.60 -6.01
CA THR A 46 2.81 6.64 -7.08
C THR A 46 2.70 5.21 -6.57
N CYS A 47 2.90 5.03 -5.27
CA CYS A 47 2.82 3.72 -4.66
C CYS A 47 1.46 3.51 -3.99
N ALA A 48 0.72 4.60 -3.81
CA ALA A 48 -0.59 4.54 -3.18
C ALA A 48 -1.45 3.46 -3.82
N GLY A 49 -2.24 2.77 -2.99
CA GLY A 49 -3.10 1.72 -3.50
C GLY A 49 -4.52 1.82 -2.96
N LYS A 50 -5.50 1.62 -3.83
CA LYS A 50 -6.90 1.69 -3.44
C LYS A 50 -7.31 0.46 -2.63
N ILE A 51 -7.51 0.63 -1.34
CA ILE A 51 -7.90 -0.48 -0.47
C ILE A 51 -9.37 -0.35 -0.07
N THR A 52 -10.07 -1.49 -0.07
CA THR A 52 -11.48 -1.51 0.31
C THR A 52 -11.76 -2.64 1.29
N ALA A 53 -11.13 -3.79 1.08
CA ALA A 53 -11.32 -4.94 1.95
C ALA A 53 -10.10 -5.16 2.83
N GLY A 54 -10.03 -4.43 3.94
CA GLY A 54 -8.91 -4.56 4.85
C GLY A 54 -8.78 -3.36 5.77
N SER A 55 -7.53 -3.04 6.14
CA SER A 55 -7.27 -1.92 7.03
C SER A 55 -5.77 -1.72 7.21
N VAL A 56 -5.34 -0.46 7.19
CA VAL A 56 -3.93 -0.12 7.37
C VAL A 56 -3.76 1.13 8.21
N ASP A 57 -2.52 1.40 8.61
CA ASP A 57 -2.23 2.57 9.43
C ASP A 57 -1.14 3.43 8.77
N GLN A 58 -1.55 4.60 8.27
CA GLN A 58 -0.63 5.51 7.63
C GLN A 58 -0.57 6.85 8.35
N SER A 59 -0.04 6.83 9.57
CA SER A 59 0.07 8.05 10.37
C SER A 59 1.42 8.71 10.19
N ASP A 60 2.14 8.29 9.16
CA ASP A 60 3.46 8.84 8.86
C ASP A 60 3.48 9.54 7.51
N GLN A 61 2.45 9.30 6.71
CA GLN A 61 2.34 9.90 5.39
C GLN A 61 2.50 11.42 5.47
N SER A 62 2.59 12.07 4.31
CA SER A 62 2.75 13.51 4.25
C SER A 62 2.33 14.04 2.89
N PHE A 63 1.46 13.31 2.21
CA PHE A 63 0.98 13.70 0.89
C PHE A 63 -0.55 13.71 0.85
N LEU A 64 -1.15 12.55 1.08
CA LEU A 64 -2.59 12.43 1.06
C LEU A 64 -3.23 13.28 2.17
N ASP A 65 -4.54 13.17 2.31
CA ASP A 65 -5.26 13.92 3.32
C ASP A 65 -6.55 13.21 3.73
N ASP A 66 -7.39 13.89 4.48
CA ASP A 66 -8.66 13.33 4.94
C ASP A 66 -9.55 12.98 3.75
N ASP A 67 -9.24 13.54 2.60
CA ASP A 67 -10.02 13.29 1.39
C ASP A 67 -9.49 12.07 0.65
N GLN A 68 -8.21 12.06 0.36
CA GLN A 68 -7.58 10.94 -0.35
C GLN A 68 -7.73 9.65 0.45
N ILE A 69 -7.21 9.65 1.68
CA ILE A 69 -7.29 8.48 2.54
C ILE A 69 -8.72 7.95 2.63
N GLU A 70 -9.68 8.85 2.51
CA GLU A 70 -11.09 8.48 2.57
C GLU A 70 -11.46 7.55 1.42
N ALA A 71 -11.11 7.96 0.21
CA ALA A 71 -11.41 7.16 -0.98
C ALA A 71 -10.92 5.72 -0.82
N GLY A 72 -9.78 5.56 -0.14
CA GLY A 72 -9.24 4.24 0.08
C GLY A 72 -7.79 4.14 -0.33
N TYR A 73 -7.25 5.21 -0.92
CA TYR A 73 -5.87 5.24 -1.37
C TYR A 73 -4.91 5.24 -0.18
N VAL A 74 -4.16 4.15 -0.04
CA VAL A 74 -3.20 4.03 1.06
C VAL A 74 -1.78 3.88 0.52
N LEU A 75 -0.86 4.67 1.08
CA LEU A 75 0.53 4.63 0.66
C LEU A 75 1.21 3.34 1.14
N THR A 76 1.54 2.48 0.18
CA THR A 76 2.19 1.21 0.50
C THR A 76 3.57 1.44 1.10
N CYS A 77 4.13 2.62 0.86
CA CYS A 77 5.45 2.96 1.38
C CYS A 77 5.37 3.37 2.85
N VAL A 78 4.15 3.54 3.34
CA VAL A 78 3.93 3.92 4.73
C VAL A 78 2.57 3.44 5.23
N ALA A 79 2.29 2.16 5.00
CA ALA A 79 1.03 1.57 5.43
C ALA A 79 1.27 0.40 6.38
N TYR A 80 0.58 0.40 7.51
CA TYR A 80 0.71 -0.66 8.50
C TYR A 80 -0.54 -1.53 8.55
N PRO A 81 -0.58 -2.54 7.67
CA PRO A 81 -1.72 -3.46 7.59
C PRO A 81 -1.81 -4.39 8.80
N THR A 82 -2.45 -3.91 9.86
CA THR A 82 -2.60 -4.69 11.08
C THR A 82 -3.30 -6.02 10.80
N SER A 83 -4.05 -6.07 9.70
CA SER A 83 -4.77 -7.28 9.32
C SER A 83 -4.75 -7.48 7.80
N ASP A 84 -5.21 -8.63 7.37
CA ASP A 84 -5.25 -8.95 5.93
C ASP A 84 -5.95 -7.83 5.15
N CYS A 85 -5.48 -7.58 3.94
CA CYS A 85 -6.05 -6.54 3.09
C CYS A 85 -5.67 -6.76 1.64
N THR A 86 -6.46 -6.19 0.73
CA THR A 86 -6.22 -6.32 -0.70
C THR A 86 -5.93 -4.97 -1.33
N ILE A 87 -4.70 -4.50 -1.20
CA ILE A 87 -4.30 -3.22 -1.76
C ILE A 87 -4.21 -3.29 -3.28
N GLU A 88 -4.86 -2.36 -3.96
CA GLU A 88 -4.85 -2.32 -5.42
C GLU A 88 -3.76 -1.39 -5.93
N THR A 89 -2.63 -1.96 -6.31
CA THR A 89 -1.50 -1.18 -6.82
C THR A 89 -1.86 -0.49 -8.13
N HIS A 90 -0.94 0.33 -8.63
CA HIS A 90 -1.16 1.05 -9.89
C HIS A 90 -2.40 1.92 -9.81
N LYS A 91 -2.57 2.58 -8.67
CA LYS A 91 -3.73 3.46 -8.46
C LYS A 91 -3.27 4.89 -8.17
N GLU A 92 -2.41 5.42 -9.03
CA GLU A 92 -1.90 6.78 -8.85
C GLU A 92 -2.35 7.68 -10.00
N GLU A 93 -3.52 7.35 -10.58
CA GLU A 93 -4.06 8.13 -11.68
C GLU A 93 -5.32 8.88 -11.25
N ASP A 94 -5.98 8.37 -10.21
CA ASP A 94 -7.20 8.98 -9.71
C ASP A 94 -6.92 10.39 -9.18
N LEU A 95 -5.73 10.59 -8.64
CA LEU A 95 -5.33 11.88 -8.10
C LEU A 95 -4.87 12.81 -9.21
N TYR A 96 -3.92 12.34 -10.01
CA TYR A 96 -3.37 13.13 -11.12
C TYR A 96 -4.35 13.15 -12.29
GA GA B . 5.44 6.40 -1.51
N ALA A 1 1.20 -8.94 13.15
CA ALA A 1 1.47 -10.35 13.31
C ALA A 1 1.60 -11.04 11.95
N SER A 2 1.97 -10.27 10.93
CA SER A 2 2.12 -10.80 9.58
C SER A 2 0.80 -11.36 9.06
N TYR A 3 0.16 -10.60 8.17
CA TYR A 3 -1.11 -11.02 7.60
C TYR A 3 -1.03 -11.07 6.08
N THR A 4 -1.91 -11.85 5.47
CA THR A 4 -1.94 -11.99 4.01
C THR A 4 -2.32 -10.67 3.35
N VAL A 5 -1.37 -10.09 2.62
CA VAL A 5 -1.60 -8.82 1.93
C VAL A 5 -1.65 -9.03 0.42
N LYS A 6 -2.85 -8.99 -0.14
CA LYS A 6 -3.03 -9.18 -1.58
C LYS A 6 -2.70 -7.89 -2.33
N LEU A 7 -1.72 -7.98 -3.22
CA LEU A 7 -1.30 -6.81 -4.01
C LEU A 7 -1.77 -6.94 -5.45
N ILE A 8 -2.90 -6.33 -5.76
CA ILE A 8 -3.46 -6.37 -7.11
C ILE A 8 -2.60 -5.57 -8.08
N THR A 9 -2.27 -6.18 -9.22
CA THR A 9 -1.45 -5.52 -10.23
C THR A 9 -1.93 -5.87 -11.63
N PRO A 10 -1.68 -4.97 -12.59
CA PRO A 10 -2.08 -5.15 -13.98
C PRO A 10 -1.28 -6.25 -14.67
N ASP A 11 -0.25 -6.75 -13.99
CA ASP A 11 0.60 -7.80 -14.54
C ASP A 11 0.35 -9.12 -13.80
N GLY A 12 -0.77 -9.21 -13.11
CA GLY A 12 -1.10 -10.42 -12.39
C GLY A 12 -1.53 -10.14 -10.96
N GLU A 13 -1.76 -11.20 -10.19
CA GLU A 13 -2.19 -11.06 -8.80
C GLU A 13 -1.25 -11.81 -7.87
N SER A 14 -0.78 -11.12 -6.84
CA SER A 14 0.13 -11.71 -5.87
C SER A 14 -0.42 -11.58 -4.45
N SER A 15 0.18 -12.34 -3.53
CA SER A 15 -0.26 -12.30 -2.13
C SER A 15 0.93 -12.46 -1.19
N ILE A 16 1.49 -11.33 -0.77
CA ILE A 16 2.64 -11.34 0.14
C ILE A 16 2.19 -11.28 1.59
N GLU A 17 3.16 -11.22 2.50
CA GLU A 17 2.86 -11.15 3.93
C GLU A 17 3.59 -9.97 4.57
N CYS A 18 2.81 -9.04 5.14
CA CYS A 18 3.37 -7.87 5.79
C CYS A 18 3.01 -7.85 7.28
N SER A 19 3.96 -7.45 8.11
CA SER A 19 3.74 -7.39 9.55
C SER A 19 3.17 -6.05 9.95
N ASP A 20 2.50 -6.01 11.10
CA ASP A 20 1.90 -4.79 11.60
C ASP A 20 2.94 -3.70 11.78
N ASP A 21 4.19 -4.11 11.98
CA ASP A 21 5.28 -3.17 12.18
C ASP A 21 6.19 -3.15 10.95
N THR A 22 5.59 -3.12 9.77
CA THR A 22 6.35 -3.10 8.53
C THR A 22 5.55 -2.43 7.41
N TYR A 23 6.23 -2.14 6.30
CA TYR A 23 5.59 -1.50 5.16
C TYR A 23 5.31 -2.51 4.06
N ILE A 24 4.10 -2.47 3.51
CA ILE A 24 3.70 -3.39 2.45
C ILE A 24 4.71 -3.36 1.29
N LEU A 25 5.30 -2.18 1.07
CA LEU A 25 6.28 -2.02 0.00
C LEU A 25 7.52 -2.87 0.26
N ASP A 26 7.97 -2.89 1.51
CA ASP A 26 9.14 -3.67 1.89
C ASP A 26 8.92 -5.16 1.63
N ALA A 27 7.78 -5.67 2.09
CA ALA A 27 7.44 -7.07 1.91
C ALA A 27 7.17 -7.39 0.44
N ALA A 28 6.78 -6.36 -0.31
CA ALA A 28 6.48 -6.53 -1.73
C ALA A 28 7.77 -6.65 -2.54
N GLU A 29 8.57 -5.58 -2.52
CA GLU A 29 9.83 -5.56 -3.26
C GLU A 29 10.72 -6.73 -2.84
N GLU A 30 10.63 -7.11 -1.58
CA GLU A 30 11.44 -8.21 -1.05
C GLU A 30 11.01 -9.54 -1.66
N ALA A 31 9.71 -9.70 -1.85
CA ALA A 31 9.17 -10.93 -2.43
C ALA A 31 9.33 -10.94 -3.94
N GLY A 32 9.37 -9.75 -4.53
CA GLY A 32 9.52 -9.64 -5.97
C GLY A 32 8.28 -9.10 -6.66
N LEU A 33 7.53 -8.27 -5.94
CA LEU A 33 6.30 -7.69 -6.48
C LEU A 33 6.62 -6.52 -7.41
N ASP A 34 7.63 -5.74 -7.04
CA ASP A 34 8.04 -4.59 -7.85
C ASP A 34 6.89 -3.62 -8.02
N LEU A 35 6.42 -3.05 -6.92
CA LEU A 35 5.32 -2.09 -6.95
C LEU A 35 5.80 -0.71 -7.38
N PRO A 36 4.86 0.13 -7.83
CA PRO A 36 5.18 1.49 -8.28
C PRO A 36 5.58 2.41 -7.13
N TYR A 37 6.81 2.26 -6.67
CA TYR A 37 7.32 3.07 -5.57
C TYR A 37 8.46 3.97 -6.04
N SER A 38 8.70 5.05 -5.30
CA SER A 38 9.76 5.99 -5.64
C SER A 38 10.38 6.58 -4.38
N CYS A 39 9.54 6.92 -3.41
CA CYS A 39 10.00 7.49 -2.15
C CYS A 39 10.28 6.40 -1.12
N ARG A 40 9.48 5.34 -1.16
CA ARG A 40 9.64 4.23 -0.23
C ARG A 40 10.00 4.73 1.16
N ALA A 41 9.34 5.81 1.59
CA ALA A 41 9.59 6.38 2.90
C ALA A 41 8.33 7.04 3.45
N GLY A 42 7.58 7.71 2.58
CA GLY A 42 6.36 8.38 3.00
C GLY A 42 6.31 9.82 2.54
N ALA A 43 6.08 10.02 1.24
CA ALA A 43 6.00 11.37 0.69
C ALA A 43 5.71 11.33 -0.81
N CYS A 44 4.84 10.40 -1.21
CA CYS A 44 4.48 10.26 -2.61
C CYS A 44 3.09 9.64 -2.75
N SER A 45 2.65 9.48 -4.00
CA SER A 45 1.34 8.90 -4.27
C SER A 45 1.41 7.90 -5.42
N THR A 46 2.63 7.58 -5.83
CA THR A 46 2.85 6.63 -6.93
C THR A 46 2.73 5.19 -6.44
N CYS A 47 2.92 5.00 -5.14
CA CYS A 47 2.84 3.68 -4.54
C CYS A 47 1.49 3.47 -3.86
N ALA A 48 0.76 4.56 -3.65
CA ALA A 48 -0.55 4.50 -3.01
C ALA A 48 -1.43 3.45 -3.68
N GLY A 49 -2.23 2.76 -2.87
CA GLY A 49 -3.11 1.73 -3.40
C GLY A 49 -4.51 1.83 -2.84
N LYS A 50 -5.51 1.67 -3.71
CA LYS A 50 -6.91 1.75 -3.30
C LYS A 50 -7.32 0.48 -2.57
N ILE A 51 -7.52 0.61 -1.26
CA ILE A 51 -7.93 -0.53 -0.43
C ILE A 51 -9.40 -0.43 -0.06
N THR A 52 -10.09 -1.57 -0.12
CA THR A 52 -11.51 -1.62 0.20
C THR A 52 -11.82 -2.77 1.14
N ALA A 53 -11.17 -3.92 0.92
CA ALA A 53 -11.37 -5.10 1.74
C ALA A 53 -10.18 -5.31 2.68
N GLY A 54 -10.11 -4.50 3.73
CA GLY A 54 -9.02 -4.63 4.69
C GLY A 54 -8.83 -3.37 5.51
N SER A 55 -7.62 -3.17 6.02
CA SER A 55 -7.32 -2.00 6.84
C SER A 55 -5.80 -1.83 6.99
N VAL A 56 -5.38 -0.59 7.21
CA VAL A 56 -3.96 -0.29 7.37
C VAL A 56 -3.76 0.94 8.25
N ASP A 57 -2.52 1.20 8.63
CA ASP A 57 -2.19 2.35 9.48
C ASP A 57 -1.12 3.21 8.82
N GLN A 58 -1.51 4.41 8.40
CA GLN A 58 -0.57 5.33 7.76
C GLN A 58 -0.55 6.67 8.48
N SER A 59 0.03 6.68 9.68
CA SER A 59 0.11 7.90 10.48
C SER A 59 1.46 8.59 10.29
N ASP A 60 2.18 8.18 9.25
CA ASP A 60 3.49 8.75 8.95
C ASP A 60 3.48 9.45 7.59
N GLN A 61 2.45 9.18 6.80
CA GLN A 61 2.33 9.78 5.47
C GLN A 61 2.50 11.29 5.55
N SER A 62 2.65 11.93 4.39
CA SER A 62 2.82 13.37 4.32
C SER A 62 2.38 13.91 2.95
N PHE A 63 1.49 13.18 2.30
CA PHE A 63 0.99 13.58 0.99
C PHE A 63 -0.53 13.68 1.00
N LEU A 64 -1.19 12.59 1.37
CA LEU A 64 -2.65 12.56 1.42
C LEU A 64 -3.18 13.59 2.41
N ASP A 65 -4.45 13.94 2.26
CA ASP A 65 -5.09 14.92 3.14
C ASP A 65 -6.21 14.27 3.95
N ASP A 66 -7.34 14.02 3.30
CA ASP A 66 -8.49 13.41 3.95
C ASP A 66 -9.31 12.59 2.95
N ASP A 67 -9.59 13.19 1.80
CA ASP A 67 -10.37 12.54 0.75
C ASP A 67 -9.61 11.34 0.18
N GLN A 68 -8.28 11.40 0.26
CA GLN A 68 -7.45 10.32 -0.25
C GLN A 68 -7.52 9.08 0.65
N ILE A 69 -7.17 9.27 1.91
CA ILE A 69 -7.20 8.16 2.88
C ILE A 69 -8.63 7.66 3.08
N GLU A 70 -9.60 8.56 2.92
CA GLU A 70 -11.01 8.19 3.08
C GLU A 70 -11.47 7.29 1.94
N ALA A 71 -11.22 7.72 0.71
CA ALA A 71 -11.62 6.96 -0.46
C ALA A 71 -11.13 5.51 -0.36
N GLY A 72 -9.98 5.33 0.28
CA GLY A 72 -9.43 3.99 0.43
C GLY A 72 -7.96 3.93 0.05
N TYR A 73 -7.47 4.99 -0.60
CA TYR A 73 -6.08 5.04 -1.03
C TYR A 73 -5.14 5.00 0.18
N VAL A 74 -4.19 4.07 0.15
CA VAL A 74 -3.23 3.93 1.24
C VAL A 74 -1.81 3.80 0.69
N LEU A 75 -0.89 4.55 1.28
CA LEU A 75 0.51 4.52 0.85
C LEU A 75 1.18 3.22 1.29
N THR A 76 1.54 2.39 0.32
CA THR A 76 2.19 1.12 0.62
C THR A 76 3.57 1.34 1.22
N CYS A 77 4.14 2.51 0.99
CA CYS A 77 5.46 2.84 1.52
C CYS A 77 5.37 3.24 2.99
N VAL A 78 4.15 3.41 3.47
CA VAL A 78 3.93 3.78 4.87
C VAL A 78 2.58 3.30 5.35
N ALA A 79 2.28 2.02 5.11
CA ALA A 79 1.02 1.43 5.54
C ALA A 79 1.24 0.22 6.43
N TYR A 80 0.58 0.21 7.57
CA TYR A 80 0.71 -0.89 8.53
C TYR A 80 -0.55 -1.73 8.57
N PRO A 81 -0.63 -2.72 7.68
CA PRO A 81 -1.79 -3.63 7.58
C PRO A 81 -1.88 -4.57 8.78
N THR A 82 -2.53 -4.10 9.84
CA THR A 82 -2.69 -4.89 11.06
C THR A 82 -3.38 -6.22 10.76
N SER A 83 -4.13 -6.25 9.66
CA SER A 83 -4.86 -7.45 9.26
C SER A 83 -4.84 -7.62 7.75
N ASP A 84 -5.34 -8.76 7.28
CA ASP A 84 -5.38 -9.04 5.85
C ASP A 84 -6.02 -7.89 5.09
N CYS A 85 -5.57 -7.67 3.86
CA CYS A 85 -6.10 -6.61 3.02
C CYS A 85 -5.68 -6.78 1.57
N THR A 86 -6.47 -6.24 0.65
CA THR A 86 -6.18 -6.34 -0.77
C THR A 86 -5.90 -4.97 -1.38
N ILE A 87 -4.67 -4.49 -1.19
CA ILE A 87 -4.28 -3.20 -1.72
C ILE A 87 -4.16 -3.24 -3.24
N GLU A 88 -4.81 -2.27 -3.90
CA GLU A 88 -4.78 -2.21 -5.36
C GLU A 88 -3.70 -1.24 -5.84
N THR A 89 -2.60 -1.79 -6.33
CA THR A 89 -1.49 -0.98 -6.82
C THR A 89 -1.89 -0.21 -8.07
N HIS A 90 -0.98 0.66 -8.53
CA HIS A 90 -1.24 1.46 -9.73
C HIS A 90 -2.54 2.24 -9.59
N LYS A 91 -2.64 3.02 -8.52
CA LYS A 91 -3.83 3.82 -8.27
C LYS A 91 -3.47 5.28 -8.00
N GLU A 92 -2.40 5.75 -8.65
CA GLU A 92 -1.94 7.11 -8.48
C GLU A 92 -2.73 8.07 -9.37
N GLU A 93 -3.17 7.57 -10.52
CA GLU A 93 -3.94 8.37 -11.47
C GLU A 93 -5.24 8.86 -10.83
N ASP A 94 -5.71 8.12 -9.83
CA ASP A 94 -6.95 8.48 -9.14
C ASP A 94 -6.85 9.89 -8.55
N LEU A 95 -5.63 10.34 -8.32
CA LEU A 95 -5.40 11.68 -7.76
C LEU A 95 -5.11 12.69 -8.86
N TYR A 96 -4.46 12.23 -9.92
CA TYR A 96 -4.13 13.09 -11.04
C TYR A 96 -3.49 12.29 -12.18
GA GA B . 5.47 6.31 -1.36
N ALA A 1 3.85 -11.23 13.76
CA ALA A 1 2.47 -11.39 13.36
C ALA A 1 2.21 -10.78 11.98
N SER A 2 2.35 -11.60 10.94
CA SER A 2 2.14 -11.14 9.57
C SER A 2 0.80 -11.60 9.04
N TYR A 3 0.22 -10.81 8.14
CA TYR A 3 -1.07 -11.14 7.55
C TYR A 3 -1.02 -11.10 6.03
N THR A 4 -1.79 -11.97 5.39
CA THR A 4 -1.83 -12.04 3.93
C THR A 4 -2.20 -10.68 3.33
N VAL A 5 -1.35 -10.18 2.44
CA VAL A 5 -1.60 -8.90 1.78
C VAL A 5 -1.76 -9.07 0.28
N LYS A 6 -3.01 -9.07 -0.18
CA LYS A 6 -3.31 -9.23 -1.60
C LYS A 6 -2.93 -7.96 -2.37
N LEU A 7 -1.96 -8.09 -3.26
CA LEU A 7 -1.51 -6.96 -4.07
C LEU A 7 -1.97 -7.10 -5.51
N ILE A 8 -3.11 -6.49 -5.83
CA ILE A 8 -3.65 -6.55 -7.18
C ILE A 8 -2.77 -5.79 -8.17
N THR A 9 -2.45 -6.44 -9.29
CA THR A 9 -1.61 -5.84 -10.31
C THR A 9 -2.11 -6.18 -11.70
N PRO A 10 -1.82 -5.29 -12.67
CA PRO A 10 -2.25 -5.47 -14.07
C PRO A 10 -1.49 -6.62 -14.75
N ASP A 11 -0.48 -7.14 -14.06
CA ASP A 11 0.32 -8.25 -14.60
C ASP A 11 0.02 -9.54 -13.85
N GLY A 12 -1.10 -9.58 -13.16
CA GLY A 12 -1.47 -10.76 -12.40
C GLY A 12 -1.85 -10.45 -10.97
N GLU A 13 -2.02 -11.49 -10.16
CA GLU A 13 -2.38 -11.32 -8.76
C GLU A 13 -1.38 -12.03 -7.86
N SER A 14 -0.87 -11.30 -6.86
CA SER A 14 0.09 -11.86 -5.93
C SER A 14 -0.40 -11.75 -4.49
N SER A 15 0.37 -12.27 -3.56
CA SER A 15 0.00 -12.23 -2.15
C SER A 15 1.23 -12.32 -1.25
N ILE A 16 1.63 -11.19 -0.68
CA ILE A 16 2.80 -11.14 0.19
C ILE A 16 2.39 -11.01 1.65
N GLU A 17 3.22 -11.54 2.54
CA GLU A 17 2.94 -11.48 3.98
C GLU A 17 3.66 -10.31 4.62
N CYS A 18 2.87 -9.36 5.14
CA CYS A 18 3.44 -8.18 5.79
C CYS A 18 3.10 -8.16 7.28
N SER A 19 3.95 -7.50 8.05
CA SER A 19 3.76 -7.41 9.50
C SER A 19 3.13 -6.08 9.88
N ASP A 20 2.46 -6.05 11.04
CA ASP A 20 1.82 -4.83 11.51
C ASP A 20 2.86 -3.72 11.73
N ASP A 21 4.10 -4.12 11.95
CA ASP A 21 5.17 -3.15 12.18
C ASP A 21 6.11 -3.11 10.97
N THR A 22 5.53 -3.07 9.78
CA THR A 22 6.32 -3.02 8.54
C THR A 22 5.52 -2.36 7.42
N TYR A 23 6.19 -2.13 6.30
CA TYR A 23 5.55 -1.51 5.15
C TYR A 23 5.31 -2.53 4.04
N ILE A 24 4.14 -2.45 3.42
CA ILE A 24 3.79 -3.36 2.33
C ILE A 24 4.81 -3.31 1.20
N LEU A 25 5.28 -2.09 0.90
CA LEU A 25 6.26 -1.90 -0.16
C LEU A 25 7.53 -2.70 0.12
N ASP A 26 7.99 -2.67 1.37
CA ASP A 26 9.19 -3.39 1.77
C ASP A 26 8.98 -4.89 1.62
N ALA A 27 7.78 -5.36 1.98
CA ALA A 27 7.47 -6.78 1.89
C ALA A 27 7.28 -7.21 0.43
N ALA A 28 6.94 -6.25 -0.43
CA ALA A 28 6.74 -6.54 -1.83
C ALA A 28 8.07 -6.61 -2.58
N GLU A 29 8.79 -5.49 -2.61
CA GLU A 29 10.08 -5.43 -3.29
C GLU A 29 10.99 -6.55 -2.82
N GLU A 30 10.86 -6.93 -1.55
CA GLU A 30 11.68 -7.98 -0.97
C GLU A 30 11.37 -9.33 -1.63
N ALA A 31 10.09 -9.59 -1.86
CA ALA A 31 9.67 -10.84 -2.49
C ALA A 31 9.84 -10.78 -4.00
N GLY A 32 9.79 -9.57 -4.56
CA GLY A 32 9.95 -9.41 -5.99
C GLY A 32 8.67 -8.95 -6.66
N LEU A 33 7.70 -8.53 -5.86
CA LEU A 33 6.43 -8.07 -6.39
C LEU A 33 6.63 -6.97 -7.43
N ASP A 34 7.65 -6.14 -7.22
CA ASP A 34 7.96 -5.06 -8.14
C ASP A 34 6.81 -4.05 -8.20
N LEU A 35 6.45 -3.51 -7.04
CA LEU A 35 5.36 -2.54 -6.95
C LEU A 35 5.89 -1.12 -7.21
N PRO A 36 4.96 -0.21 -7.56
CA PRO A 36 5.30 1.19 -7.83
C PRO A 36 5.72 1.94 -6.57
N TYR A 37 6.86 2.62 -6.63
CA TYR A 37 7.36 3.37 -5.50
C TYR A 37 8.52 4.28 -5.91
N SER A 38 8.74 5.34 -5.14
CA SER A 38 9.82 6.28 -5.43
C SER A 38 10.42 6.82 -4.14
N CYS A 39 9.56 7.13 -3.18
CA CYS A 39 10.01 7.66 -1.89
C CYS A 39 10.24 6.55 -0.89
N ARG A 40 9.42 5.50 -0.97
CA ARG A 40 9.53 4.36 -0.07
C ARG A 40 9.86 4.82 1.35
N ALA A 41 9.22 5.90 1.78
CA ALA A 41 9.45 6.44 3.12
C ALA A 41 8.21 7.14 3.64
N GLY A 42 7.51 7.85 2.76
CA GLY A 42 6.32 8.57 3.16
C GLY A 42 6.32 10.01 2.70
N ALA A 43 6.09 10.22 1.40
CA ALA A 43 6.07 11.56 0.84
C ALA A 43 5.73 11.53 -0.64
N CYS A 44 4.85 10.63 -1.03
CA CYS A 44 4.44 10.49 -2.42
C CYS A 44 3.08 9.81 -2.53
N SER A 45 2.61 9.64 -3.76
CA SER A 45 1.31 9.01 -4.00
C SER A 45 1.39 8.04 -5.18
N THR A 46 2.61 7.77 -5.63
CA THR A 46 2.82 6.86 -6.75
C THR A 46 2.73 5.40 -6.30
N CYS A 47 2.93 5.17 -5.01
CA CYS A 47 2.87 3.83 -4.46
C CYS A 47 1.53 3.58 -3.79
N ALA A 48 0.75 4.64 -3.62
CA ALA A 48 -0.57 4.54 -3.00
C ALA A 48 -1.39 3.42 -3.63
N GLY A 49 -2.20 2.76 -2.81
CA GLY A 49 -3.04 1.68 -3.31
C GLY A 49 -4.46 1.75 -2.79
N LYS A 50 -5.42 1.60 -3.70
CA LYS A 50 -6.83 1.65 -3.33
C LYS A 50 -7.24 0.41 -2.55
N ILE A 51 -7.51 0.58 -1.26
CA ILE A 51 -7.91 -0.53 -0.40
C ILE A 51 -9.38 -0.43 -0.02
N THR A 52 -10.07 -1.56 -0.05
CA THR A 52 -11.49 -1.60 0.30
C THR A 52 -11.79 -2.76 1.23
N ALA A 53 -11.10 -3.87 1.04
CA ALA A 53 -11.30 -5.05 1.88
C ALA A 53 -10.08 -5.30 2.77
N GLY A 54 -10.05 -4.60 3.91
CA GLY A 54 -8.94 -4.76 4.83
C GLY A 54 -8.78 -3.57 5.75
N SER A 55 -7.54 -3.29 6.15
CA SER A 55 -7.25 -2.17 7.04
C SER A 55 -5.75 -1.94 7.16
N VAL A 56 -5.37 -0.68 7.34
CA VAL A 56 -3.95 -0.33 7.47
C VAL A 56 -3.78 0.92 8.33
N ASP A 57 -2.55 1.18 8.75
CA ASP A 57 -2.25 2.33 9.58
C ASP A 57 -1.16 3.19 8.93
N GLN A 58 -1.54 4.41 8.52
CA GLN A 58 -0.61 5.33 7.89
C GLN A 58 -0.63 6.69 8.57
N SER A 59 -0.09 6.75 9.78
CA SER A 59 -0.06 7.99 10.54
C SER A 59 1.27 8.73 10.32
N ASP A 60 2.00 8.33 9.29
CA ASP A 60 3.27 8.95 8.96
C ASP A 60 3.22 9.62 7.59
N GLN A 61 2.24 9.22 6.78
CA GLN A 61 2.07 9.77 5.45
C GLN A 61 2.05 11.30 5.50
N SER A 62 2.11 11.92 4.32
CA SER A 62 2.10 13.38 4.23
C SER A 62 1.34 13.84 2.98
N PHE A 63 1.57 13.14 1.87
CA PHE A 63 0.91 13.47 0.61
C PHE A 63 -0.59 13.61 0.81
N LEU A 64 -1.23 12.51 1.18
CA LEU A 64 -2.67 12.49 1.39
C LEU A 64 -3.07 13.44 2.53
N ASP A 65 -4.31 13.88 2.52
CA ASP A 65 -4.82 14.79 3.54
C ASP A 65 -6.02 14.19 4.26
N ASP A 66 -7.11 14.00 3.53
CA ASP A 66 -8.33 13.43 4.09
C ASP A 66 -9.20 12.83 3.00
N ASP A 67 -9.30 13.52 1.87
CA ASP A 67 -10.10 13.04 0.75
C ASP A 67 -9.45 11.84 0.08
N GLN A 68 -8.13 11.83 0.06
CA GLN A 68 -7.38 10.74 -0.56
C GLN A 68 -7.55 9.45 0.25
N ILE A 69 -7.24 9.52 1.54
CA ILE A 69 -7.37 8.35 2.42
C ILE A 69 -8.80 7.85 2.45
N GLU A 70 -9.76 8.77 2.35
CA GLU A 70 -11.17 8.42 2.37
C GLU A 70 -11.51 7.45 1.25
N ALA A 71 -11.14 7.81 0.02
CA ALA A 71 -11.41 6.97 -1.13
C ALA A 71 -10.90 5.56 -0.91
N GLY A 72 -9.77 5.44 -0.20
CA GLY A 72 -9.21 4.12 0.06
C GLY A 72 -7.74 4.04 -0.31
N TYR A 73 -7.23 5.09 -0.94
CA TYR A 73 -5.83 5.13 -1.35
C TYR A 73 -4.91 5.17 -0.14
N VAL A 74 -4.14 4.09 0.04
CA VAL A 74 -3.21 4.01 1.15
C VAL A 74 -1.77 3.88 0.66
N LEU A 75 -0.89 4.72 1.19
CA LEU A 75 0.51 4.70 0.81
C LEU A 75 1.19 3.42 1.30
N THR A 76 1.53 2.54 0.35
CA THR A 76 2.19 1.28 0.69
C THR A 76 3.55 1.53 1.32
N CYS A 77 4.10 2.71 1.07
CA CYS A 77 5.41 3.06 1.61
C CYS A 77 5.31 3.44 3.09
N VAL A 78 4.08 3.52 3.59
CA VAL A 78 3.84 3.86 4.99
C VAL A 78 2.50 3.34 5.46
N ALA A 79 2.22 2.07 5.17
CA ALA A 79 0.98 1.44 5.57
C ALA A 79 1.22 0.26 6.49
N TYR A 80 0.53 0.23 7.62
CA TYR A 80 0.68 -0.85 8.59
C TYR A 80 -0.56 -1.73 8.62
N PRO A 81 -0.62 -2.72 7.71
CA PRO A 81 -1.76 -3.65 7.62
C PRO A 81 -1.82 -4.59 8.81
N THR A 82 -2.46 -4.15 9.89
CA THR A 82 -2.60 -4.96 11.10
C THR A 82 -3.28 -6.29 10.78
N SER A 83 -4.04 -6.32 9.70
CA SER A 83 -4.75 -7.53 9.30
C SER A 83 -4.74 -7.68 7.78
N ASP A 84 -5.19 -8.83 7.30
CA ASP A 84 -5.24 -9.11 5.87
C ASP A 84 -5.95 -7.98 5.13
N CYS A 85 -5.47 -7.70 3.91
CA CYS A 85 -6.06 -6.64 3.10
C CYS A 85 -5.70 -6.83 1.63
N THR A 86 -6.54 -6.31 0.75
CA THR A 86 -6.31 -6.42 -0.69
C THR A 86 -6.02 -5.07 -1.31
N ILE A 87 -4.79 -4.60 -1.14
CA ILE A 87 -4.39 -3.30 -1.68
C ILE A 87 -4.28 -3.35 -3.20
N GLU A 88 -4.86 -2.36 -3.87
CA GLU A 88 -4.83 -2.30 -5.32
C GLU A 88 -3.72 -1.35 -5.81
N THR A 89 -2.64 -1.94 -6.31
CA THR A 89 -1.51 -1.15 -6.80
C THR A 89 -1.86 -0.45 -8.11
N HIS A 90 -0.92 0.36 -8.60
CA HIS A 90 -1.13 1.09 -9.85
C HIS A 90 -2.35 2.00 -9.74
N LYS A 91 -2.54 2.61 -8.58
CA LYS A 91 -3.67 3.49 -8.35
C LYS A 91 -3.19 4.89 -7.94
N GLU A 92 -2.41 5.51 -8.82
CA GLU A 92 -1.90 6.86 -8.56
C GLU A 92 -2.23 7.80 -9.70
N GLU A 93 -3.38 7.59 -10.33
CA GLU A 93 -3.81 8.42 -11.45
C GLU A 93 -5.06 9.22 -11.08
N ASP A 94 -5.81 8.72 -10.09
CA ASP A 94 -7.02 9.38 -9.65
C ASP A 94 -6.71 10.78 -9.10
N LEU A 95 -5.55 10.91 -8.48
CA LEU A 95 -5.13 12.19 -7.90
C LEU A 95 -4.75 13.18 -9.00
N TYR A 96 -3.69 12.85 -9.73
CA TYR A 96 -3.22 13.71 -10.82
C TYR A 96 -4.15 13.65 -12.01
GA GA B . 5.44 6.57 -1.21
N ALA A 1 2.73 -9.92 14.22
CA ALA A 1 1.84 -10.88 13.56
C ALA A 1 1.55 -10.46 12.13
N SER A 2 2.32 -11.03 11.19
CA SER A 2 2.15 -10.71 9.78
C SER A 2 0.80 -11.19 9.27
N TYR A 3 0.17 -10.38 8.42
CA TYR A 3 -1.13 -10.71 7.87
C TYR A 3 -1.07 -10.80 6.35
N THR A 4 -1.92 -11.64 5.77
CA THR A 4 -1.97 -11.80 4.32
C THR A 4 -2.32 -10.49 3.63
N VAL A 5 -1.42 -10.04 2.75
CA VAL A 5 -1.63 -8.80 2.01
C VAL A 5 -1.74 -9.06 0.51
N LYS A 6 -2.94 -8.83 -0.03
CA LYS A 6 -3.18 -9.03 -1.45
C LYS A 6 -2.79 -7.80 -2.26
N LEU A 7 -1.76 -7.93 -3.09
CA LEU A 7 -1.29 -6.82 -3.90
C LEU A 7 -1.74 -6.98 -5.35
N ILE A 8 -2.82 -6.31 -5.71
CA ILE A 8 -3.36 -6.39 -7.06
C ILE A 8 -2.49 -5.61 -8.04
N THR A 9 -2.14 -6.23 -9.16
CA THR A 9 -1.31 -5.58 -10.17
C THR A 9 -1.76 -5.99 -11.57
N PRO A 10 -1.50 -5.10 -12.55
CA PRO A 10 -1.87 -5.34 -13.95
C PRO A 10 -1.03 -6.44 -14.59
N ASP A 11 -0.01 -6.90 -13.87
CA ASP A 11 0.87 -7.95 -14.37
C ASP A 11 0.63 -9.25 -13.62
N GLY A 12 -0.51 -9.35 -12.94
CA GLY A 12 -0.84 -10.54 -12.19
C GLY A 12 -1.31 -10.23 -10.78
N GLU A 13 -1.57 -11.27 -10.00
CA GLU A 13 -2.03 -11.11 -8.63
C GLU A 13 -1.17 -11.90 -7.66
N SER A 14 -0.63 -11.21 -6.65
CA SER A 14 0.22 -11.84 -5.66
C SER A 14 -0.35 -11.66 -4.26
N SER A 15 0.20 -12.39 -3.30
CA SER A 15 -0.25 -12.32 -1.91
C SER A 15 0.93 -12.41 -0.95
N ILE A 16 1.51 -11.26 -0.64
CA ILE A 16 2.65 -11.21 0.28
C ILE A 16 2.18 -11.13 1.73
N GLU A 17 3.14 -11.02 2.64
CA GLU A 17 2.83 -10.94 4.07
C GLU A 17 3.53 -9.75 4.72
N CYS A 18 2.76 -8.85 5.29
CA CYS A 18 3.31 -7.67 5.94
C CYS A 18 3.03 -7.69 7.44
N SER A 19 3.96 -7.14 8.22
CA SER A 19 3.82 -7.10 9.67
C SER A 19 3.19 -5.79 10.13
N ASP A 20 2.59 -5.80 11.32
CA ASP A 20 1.96 -4.61 11.87
C ASP A 20 2.94 -3.45 11.95
N ASP A 21 4.16 -3.75 12.40
CA ASP A 21 5.20 -2.73 12.52
C ASP A 21 6.10 -2.73 11.30
N THR A 22 5.54 -3.10 10.16
CA THR A 22 6.30 -3.14 8.91
C THR A 22 5.50 -2.52 7.76
N TYR A 23 6.22 -2.07 6.73
CA TYR A 23 5.58 -1.46 5.58
C TYR A 23 5.24 -2.50 4.52
N ILE A 24 4.11 -2.32 3.85
CA ILE A 24 3.68 -3.24 2.81
C ILE A 24 4.66 -3.26 1.64
N LEU A 25 5.09 -2.07 1.23
CA LEU A 25 6.03 -1.94 0.11
C LEU A 25 7.25 -2.82 0.33
N ASP A 26 7.92 -2.64 1.47
CA ASP A 26 9.11 -3.42 1.81
C ASP A 26 8.82 -4.92 1.67
N ALA A 27 7.66 -5.34 2.17
CA ALA A 27 7.27 -6.75 2.10
C ALA A 27 6.98 -7.17 0.67
N ALA A 28 6.61 -6.20 -0.16
CA ALA A 28 6.30 -6.47 -1.56
C ALA A 28 7.57 -6.55 -2.40
N GLU A 29 8.29 -5.44 -2.48
CA GLU A 29 9.53 -5.38 -3.25
C GLU A 29 10.47 -6.51 -2.86
N GLU A 30 10.57 -6.76 -1.56
CA GLU A 30 11.45 -7.82 -1.05
C GLU A 30 11.15 -9.14 -1.74
N ALA A 31 9.87 -9.39 -2.01
CA ALA A 31 9.46 -10.62 -2.67
C ALA A 31 9.60 -10.51 -4.18
N GLY A 32 9.63 -9.28 -4.68
CA GLY A 32 9.76 -9.06 -6.11
C GLY A 32 8.42 -8.80 -6.79
N LEU A 33 7.62 -7.94 -6.20
CA LEU A 33 6.31 -7.61 -6.76
C LEU A 33 6.43 -6.55 -7.85
N ASP A 34 7.50 -5.77 -7.79
CA ASP A 34 7.73 -4.72 -8.78
C ASP A 34 6.59 -3.71 -8.78
N LEU A 35 6.60 -2.82 -7.79
CA LEU A 35 5.57 -1.80 -7.69
C LEU A 35 6.03 -0.48 -8.30
N PRO A 36 5.07 0.41 -8.59
CA PRO A 36 5.36 1.72 -9.18
C PRO A 36 6.06 2.66 -8.20
N TYR A 37 6.28 2.17 -6.98
CA TYR A 37 6.94 2.97 -5.96
C TYR A 37 8.17 3.69 -6.52
N SER A 38 8.57 4.76 -5.86
CA SER A 38 9.72 5.54 -6.30
C SER A 38 10.50 6.08 -5.11
N CYS A 39 9.77 6.67 -4.15
CA CYS A 39 10.38 7.23 -2.96
C CYS A 39 10.51 6.17 -1.86
N ARG A 40 9.56 5.24 -1.84
CA ARG A 40 9.56 4.18 -0.83
C ARG A 40 10.02 4.71 0.52
N ALA A 41 9.39 5.80 0.97
CA ALA A 41 9.73 6.40 2.24
C ALA A 41 8.50 6.99 2.92
N GLY A 42 7.66 7.66 2.13
CA GLY A 42 6.45 8.27 2.67
C GLY A 42 6.33 9.73 2.32
N ALA A 43 6.13 10.02 1.03
CA ALA A 43 5.99 11.39 0.57
C ALA A 43 5.70 11.43 -0.93
N CYS A 44 4.78 10.58 -1.37
CA CYS A 44 4.40 10.53 -2.78
C CYS A 44 2.99 9.99 -2.95
N SER A 45 2.64 9.65 -4.19
CA SER A 45 1.30 9.13 -4.48
C SER A 45 1.39 7.92 -5.40
N THR A 46 2.61 7.52 -5.73
CA THR A 46 2.83 6.38 -6.62
C THR A 46 2.77 5.07 -5.84
N CYS A 47 3.01 5.14 -4.54
CA CYS A 47 2.98 3.96 -3.68
C CYS A 47 1.58 3.71 -3.15
N ALA A 48 0.69 4.69 -3.33
CA ALA A 48 -0.69 4.58 -2.86
C ALA A 48 -1.38 3.39 -3.50
N GLY A 49 -2.25 2.73 -2.73
CA GLY A 49 -2.97 1.59 -3.24
C GLY A 49 -4.43 1.57 -2.81
N LYS A 50 -5.33 1.68 -3.77
CA LYS A 50 -6.76 1.68 -3.48
C LYS A 50 -7.15 0.45 -2.67
N ILE A 51 -7.51 0.67 -1.42
CA ILE A 51 -7.91 -0.43 -0.55
C ILE A 51 -9.40 -0.35 -0.21
N THR A 52 -10.08 -1.49 -0.24
CA THR A 52 -11.50 -1.55 0.06
C THR A 52 -11.80 -2.65 1.07
N ALA A 53 -11.14 -3.80 0.91
CA ALA A 53 -11.33 -4.93 1.81
C ALA A 53 -10.17 -5.06 2.78
N GLY A 54 -10.20 -4.28 3.85
CA GLY A 54 -9.14 -4.33 4.83
C GLY A 54 -8.90 -2.99 5.51
N SER A 55 -7.67 -2.77 5.97
CA SER A 55 -7.32 -1.52 6.64
C SER A 55 -5.81 -1.41 6.82
N VAL A 56 -5.34 -0.18 7.00
CA VAL A 56 -3.91 0.07 7.20
C VAL A 56 -3.68 1.31 8.04
N ASP A 57 -2.42 1.56 8.38
CA ASP A 57 -2.05 2.73 9.19
C ASP A 57 -0.98 3.55 8.50
N GLN A 58 -1.35 4.75 8.08
CA GLN A 58 -0.40 5.64 7.40
C GLN A 58 -0.37 7.00 8.08
N SER A 59 0.23 7.06 9.26
CA SER A 59 0.33 8.31 10.01
C SER A 59 1.61 9.05 9.67
N ASP A 60 2.59 8.31 9.17
CA ASP A 60 3.88 8.89 8.80
C ASP A 60 3.80 9.60 7.45
N GLN A 61 2.77 9.27 6.68
CA GLN A 61 2.57 9.87 5.36
C GLN A 61 2.62 11.39 5.46
N SER A 62 2.79 12.04 4.30
CA SER A 62 2.85 13.50 4.26
C SER A 62 2.35 14.01 2.92
N PHE A 63 1.49 13.25 2.27
CA PHE A 63 0.94 13.62 0.98
C PHE A 63 -0.59 13.71 1.05
N LEU A 64 -1.24 12.58 1.28
CA LEU A 64 -2.70 12.54 1.36
C LEU A 64 -3.21 13.52 2.40
N ASP A 65 -4.53 13.69 2.46
CA ASP A 65 -5.15 14.61 3.40
C ASP A 65 -6.34 13.95 4.10
N ASP A 66 -7.40 13.71 3.34
CA ASP A 66 -8.60 13.08 3.88
C ASP A 66 -9.42 12.43 2.78
N ASP A 67 -9.53 13.12 1.65
CA ASP A 67 -10.28 12.60 0.51
C ASP A 67 -9.57 11.41 -0.13
N GLN A 68 -8.25 11.39 -0.01
CA GLN A 68 -7.45 10.31 -0.57
C GLN A 68 -7.55 9.05 0.30
N ILE A 69 -7.22 9.21 1.58
CA ILE A 69 -7.27 8.09 2.51
C ILE A 69 -8.68 7.51 2.60
N GLU A 70 -9.68 8.35 2.39
CA GLU A 70 -11.07 7.92 2.44
C GLU A 70 -11.41 7.03 1.25
N ALA A 71 -11.11 7.51 0.06
CA ALA A 71 -11.38 6.77 -1.17
C ALA A 71 -10.80 5.36 -1.08
N GLY A 72 -9.68 5.22 -0.39
CA GLY A 72 -9.04 3.92 -0.25
C GLY A 72 -7.55 3.97 -0.55
N TYR A 73 -7.11 5.05 -1.16
CA TYR A 73 -5.70 5.21 -1.51
C TYR A 73 -4.83 5.22 -0.26
N VAL A 74 -4.00 4.19 -0.12
CA VAL A 74 -3.10 4.07 1.02
C VAL A 74 -1.65 3.91 0.59
N LEU A 75 -0.79 4.80 1.05
CA LEU A 75 0.62 4.76 0.70
C LEU A 75 1.26 3.46 1.19
N THR A 76 1.58 2.58 0.25
CA THR A 76 2.20 1.30 0.58
C THR A 76 3.58 1.50 1.19
N CYS A 77 4.23 2.60 0.83
CA CYS A 77 5.56 2.91 1.33
C CYS A 77 5.49 3.34 2.80
N VAL A 78 4.28 3.54 3.30
CA VAL A 78 4.08 3.95 4.68
C VAL A 78 2.71 3.51 5.19
N ALA A 79 2.38 2.25 4.95
CA ALA A 79 1.11 1.69 5.40
C ALA A 79 1.31 0.48 6.30
N TYR A 80 0.67 0.50 7.47
CA TYR A 80 0.79 -0.60 8.41
C TYR A 80 -0.49 -1.42 8.46
N PRO A 81 -0.54 -2.50 7.66
CA PRO A 81 -1.70 -3.39 7.59
C PRO A 81 -1.88 -4.21 8.86
N THR A 82 -2.58 -3.63 9.83
CA THR A 82 -2.82 -4.32 11.10
C THR A 82 -3.48 -5.67 10.88
N SER A 83 -4.17 -5.82 9.75
CA SER A 83 -4.85 -7.06 9.42
C SER A 83 -4.84 -7.30 7.91
N ASP A 84 -5.28 -8.50 7.51
CA ASP A 84 -5.33 -8.85 6.09
C ASP A 84 -6.06 -7.78 5.29
N CYS A 85 -5.54 -7.48 4.11
CA CYS A 85 -6.15 -6.47 3.24
C CYS A 85 -5.72 -6.67 1.79
N THR A 86 -6.55 -6.19 0.87
CA THR A 86 -6.27 -6.32 -0.55
C THR A 86 -5.93 -4.98 -1.18
N ILE A 87 -4.68 -4.55 -1.00
CA ILE A 87 -4.24 -3.28 -1.55
C ILE A 87 -4.07 -3.35 -3.07
N GLU A 88 -4.64 -2.38 -3.77
CA GLU A 88 -4.56 -2.34 -5.22
C GLU A 88 -3.53 -1.31 -5.68
N THR A 89 -2.39 -1.79 -6.14
CA THR A 89 -1.32 -0.90 -6.62
C THR A 89 -1.74 -0.17 -7.89
N HIS A 90 -0.83 0.63 -8.43
CA HIS A 90 -1.10 1.39 -9.65
C HIS A 90 -2.33 2.27 -9.47
N LYS A 91 -2.35 3.05 -8.40
CA LYS A 91 -3.47 3.94 -8.11
C LYS A 91 -2.97 5.34 -7.77
N GLU A 92 -2.33 6.00 -8.73
CA GLU A 92 -1.82 7.34 -8.53
C GLU A 92 -2.55 8.34 -9.40
N GLU A 93 -2.80 7.97 -10.65
CA GLU A 93 -3.50 8.84 -11.59
C GLU A 93 -4.89 9.18 -11.08
N ASP A 94 -5.40 8.36 -10.17
CA ASP A 94 -6.72 8.59 -9.59
C ASP A 94 -6.86 10.02 -9.07
N LEU A 95 -5.80 10.51 -8.44
CA LEU A 95 -5.79 11.85 -7.88
C LEU A 95 -5.60 12.89 -8.98
N TYR A 96 -4.99 12.47 -10.09
CA TYR A 96 -4.74 13.36 -11.21
C TYR A 96 -4.40 12.57 -12.47
GA GA B . 6.20 6.41 -1.69
N ALA A 1 3.36 -10.51 13.78
CA ALA A 1 2.07 -11.03 13.33
C ALA A 1 1.76 -10.58 11.90
N SER A 2 2.51 -11.11 10.94
CA SER A 2 2.32 -10.77 9.54
C SER A 2 1.00 -11.32 9.01
N TYR A 3 0.31 -10.53 8.21
CA TYR A 3 -0.97 -10.94 7.64
C TYR A 3 -0.90 -10.99 6.12
N THR A 4 -1.82 -11.74 5.51
CA THR A 4 -1.87 -11.86 4.06
C THR A 4 -2.23 -10.54 3.40
N VAL A 5 -1.26 -9.95 2.72
CA VAL A 5 -1.48 -8.68 2.02
C VAL A 5 -1.62 -8.88 0.52
N LYS A 6 -2.86 -8.91 0.05
CA LYS A 6 -3.14 -9.10 -1.37
C LYS A 6 -2.86 -7.82 -2.15
N LEU A 7 -1.91 -7.89 -3.07
CA LEU A 7 -1.55 -6.73 -3.89
C LEU A 7 -2.05 -6.91 -5.32
N ILE A 8 -3.22 -6.36 -5.61
CA ILE A 8 -3.80 -6.44 -6.95
C ILE A 8 -2.94 -5.69 -7.97
N THR A 9 -2.67 -6.34 -9.09
CA THR A 9 -1.87 -5.73 -10.15
C THR A 9 -2.38 -6.13 -11.53
N PRO A 10 -2.14 -5.28 -12.53
CA PRO A 10 -2.56 -5.52 -13.90
C PRO A 10 -1.77 -6.65 -14.56
N ASP A 11 -0.74 -7.12 -13.87
CA ASP A 11 0.09 -8.20 -14.38
C ASP A 11 -0.11 -9.48 -13.56
N GLY A 12 -1.22 -9.55 -12.85
CA GLY A 12 -1.51 -10.71 -12.03
C GLY A 12 -1.91 -10.35 -10.62
N GLU A 13 -2.04 -11.36 -9.77
CA GLU A 13 -2.42 -11.13 -8.38
C GLU A 13 -1.41 -11.75 -7.43
N SER A 14 -0.50 -10.93 -6.91
CA SER A 14 0.52 -11.40 -5.99
C SER A 14 0.01 -11.43 -4.56
N SER A 15 0.74 -12.11 -3.69
CA SER A 15 0.35 -12.22 -2.28
C SER A 15 1.59 -12.27 -1.38
N ILE A 16 1.78 -11.22 -0.59
CA ILE A 16 2.91 -11.16 0.32
C ILE A 16 2.46 -11.00 1.76
N GLU A 17 3.37 -11.24 2.70
CA GLU A 17 3.06 -11.13 4.12
C GLU A 17 3.78 -9.94 4.74
N CYS A 18 3.00 -9.03 5.32
CA CYS A 18 3.56 -7.83 5.95
C CYS A 18 3.15 -7.76 7.42
N SER A 19 4.06 -7.26 8.25
CA SER A 19 3.81 -7.14 9.69
C SER A 19 3.09 -5.83 10.00
N ASP A 20 2.50 -5.75 11.18
CA ASP A 20 1.78 -4.55 11.61
C ASP A 20 2.75 -3.40 11.83
N ASP A 21 4.00 -3.73 12.11
CA ASP A 21 5.02 -2.72 12.35
C ASP A 21 5.99 -2.64 11.17
N THR A 22 5.46 -2.77 9.97
CA THR A 22 6.27 -2.71 8.76
C THR A 22 5.48 -2.15 7.58
N TYR A 23 6.18 -1.81 6.52
CA TYR A 23 5.55 -1.25 5.32
C TYR A 23 5.29 -2.34 4.29
N ILE A 24 4.08 -2.34 3.72
CA ILE A 24 3.71 -3.32 2.72
C ILE A 24 4.64 -3.26 1.52
N LEU A 25 5.12 -2.06 1.21
CA LEU A 25 6.02 -1.86 0.08
C LEU A 25 7.32 -2.63 0.28
N ASP A 26 8.00 -2.37 1.40
CA ASP A 26 9.25 -3.04 1.71
C ASP A 26 9.11 -4.55 1.60
N ALA A 27 8.12 -5.09 2.32
CA ALA A 27 7.87 -6.53 2.30
C ALA A 27 7.60 -7.02 0.89
N ALA A 28 7.17 -6.12 0.01
CA ALA A 28 6.88 -6.46 -1.37
C ALA A 28 8.14 -6.43 -2.22
N GLU A 29 8.75 -5.26 -2.34
CA GLU A 29 9.97 -5.10 -3.13
C GLU A 29 11.05 -6.06 -2.65
N GLU A 30 11.20 -6.18 -1.33
CA GLU A 30 12.19 -7.06 -0.75
C GLU A 30 11.94 -8.51 -1.14
N ALA A 31 10.68 -8.82 -1.46
CA ALA A 31 10.30 -10.16 -1.85
C ALA A 31 10.45 -10.37 -3.36
N GLY A 32 10.10 -9.33 -4.13
CA GLY A 32 10.20 -9.42 -5.57
C GLY A 32 9.17 -8.54 -6.27
N LEU A 33 8.16 -8.12 -5.53
CA LEU A 33 7.11 -7.27 -6.09
C LEU A 33 7.65 -5.89 -6.44
N ASP A 34 7.83 -5.64 -7.73
CA ASP A 34 8.34 -4.36 -8.20
C ASP A 34 7.21 -3.34 -8.34
N LEU A 35 6.44 -3.16 -7.28
CA LEU A 35 5.32 -2.23 -7.29
C LEU A 35 5.80 -0.82 -7.66
N PRO A 36 4.84 0.02 -8.09
CA PRO A 36 5.14 1.42 -8.48
C PRO A 36 5.52 2.28 -7.29
N TYR A 37 6.79 2.22 -6.89
CA TYR A 37 7.27 3.01 -5.76
C TYR A 37 8.52 3.79 -6.15
N SER A 38 8.70 4.94 -5.51
CA SER A 38 9.86 5.79 -5.78
C SER A 38 10.55 6.21 -4.48
N CYS A 39 9.85 6.97 -3.66
CA CYS A 39 10.39 7.44 -2.39
C CYS A 39 10.44 6.30 -1.38
N ARG A 40 9.49 5.37 -1.48
CA ARG A 40 9.44 4.23 -0.57
C ARG A 40 9.81 4.65 0.85
N ALA A 41 9.28 5.80 1.28
CA ALA A 41 9.56 6.31 2.62
C ALA A 41 8.32 6.94 3.23
N GLY A 42 7.54 7.64 2.39
CA GLY A 42 6.33 8.28 2.86
C GLY A 42 6.30 9.76 2.53
N ALA A 43 6.13 10.06 1.25
CA ALA A 43 6.08 11.45 0.79
C ALA A 43 5.72 11.53 -0.69
N CYS A 44 4.79 10.69 -1.12
CA CYS A 44 4.36 10.66 -2.51
C CYS A 44 2.97 10.06 -2.64
N SER A 45 2.56 9.78 -3.87
CA SER A 45 1.25 9.19 -4.13
C SER A 45 1.36 8.05 -5.14
N THR A 46 2.59 7.72 -5.53
CA THR A 46 2.82 6.64 -6.49
C THR A 46 2.71 5.28 -5.82
N CYS A 47 2.95 5.25 -4.51
CA CYS A 47 2.88 4.00 -3.75
C CYS A 47 1.47 3.77 -3.23
N ALA A 48 0.57 4.71 -3.49
CA ALA A 48 -0.81 4.59 -3.05
C ALA A 48 -1.49 3.40 -3.70
N GLY A 49 -2.37 2.74 -2.94
CA GLY A 49 -3.07 1.58 -3.47
C GLY A 49 -4.50 1.50 -2.97
N LYS A 50 -5.45 1.55 -3.89
CA LYS A 50 -6.86 1.48 -3.55
C LYS A 50 -7.15 0.29 -2.64
N ILE A 51 -7.54 0.56 -1.40
CA ILE A 51 -7.84 -0.49 -0.44
C ILE A 51 -9.34 -0.54 -0.13
N THR A 52 -9.88 -1.75 -0.06
CA THR A 52 -11.30 -1.93 0.22
C THR A 52 -11.60 -3.39 0.56
N ALA A 53 -10.69 -4.02 1.29
CA ALA A 53 -10.87 -5.42 1.69
C ALA A 53 -10.00 -5.77 2.89
N GLY A 54 -9.94 -4.83 3.85
CA GLY A 54 -9.13 -5.05 5.04
C GLY A 54 -8.98 -3.81 5.88
N SER A 55 -7.75 -3.36 6.07
CA SER A 55 -7.47 -2.18 6.87
C SER A 55 -5.96 -1.91 6.93
N VAL A 56 -5.61 -0.64 7.13
CA VAL A 56 -4.21 -0.24 7.21
C VAL A 56 -4.04 0.96 8.12
N ASP A 57 -2.78 1.30 8.42
CA ASP A 57 -2.48 2.44 9.28
C ASP A 57 -1.39 3.32 8.66
N GLN A 58 -1.79 4.48 8.16
CA GLN A 58 -0.85 5.40 7.54
C GLN A 58 -0.78 6.72 8.31
N SER A 59 -0.25 6.66 9.52
CA SER A 59 -0.14 7.84 10.37
C SER A 59 1.24 8.48 10.23
N ASP A 60 1.90 8.21 9.11
CA ASP A 60 3.23 8.75 8.86
C ASP A 60 3.25 9.54 7.55
N GLN A 61 2.49 9.08 6.57
CA GLN A 61 2.42 9.73 5.27
C GLN A 61 2.09 11.22 5.44
N SER A 62 2.32 11.99 4.38
CA SER A 62 2.05 13.43 4.41
C SER A 62 1.26 13.85 3.17
N PHE A 63 1.52 13.18 2.05
CA PHE A 63 0.83 13.50 0.80
C PHE A 63 -0.67 13.59 1.01
N LEU A 64 -1.31 12.45 1.23
CA LEU A 64 -2.75 12.40 1.44
C LEU A 64 -3.15 13.30 2.61
N ASP A 65 -4.41 13.73 2.62
CA ASP A 65 -4.93 14.58 3.67
C ASP A 65 -6.10 13.92 4.39
N ASP A 66 -7.21 13.76 3.66
CA ASP A 66 -8.40 13.14 4.22
C ASP A 66 -9.28 12.56 3.13
N ASP A 67 -9.42 13.29 2.03
CA ASP A 67 -10.23 12.86 0.91
C ASP A 67 -9.57 11.69 0.18
N GLN A 68 -8.24 11.69 0.15
CA GLN A 68 -7.49 10.64 -0.52
C GLN A 68 -7.66 9.31 0.21
N ILE A 69 -7.38 9.31 1.50
CA ILE A 69 -7.51 8.10 2.32
C ILE A 69 -8.94 7.59 2.32
N GLU A 70 -9.90 8.52 2.31
CA GLU A 70 -11.31 8.16 2.30
C GLU A 70 -11.64 7.24 1.13
N ALA A 71 -11.28 7.67 -0.07
CA ALA A 71 -11.54 6.88 -1.27
C ALA A 71 -10.99 5.47 -1.12
N GLY A 72 -9.83 5.35 -0.48
CA GLY A 72 -9.21 4.05 -0.28
C GLY A 72 -7.74 4.05 -0.66
N TYR A 73 -7.29 5.14 -1.28
CA TYR A 73 -5.90 5.25 -1.69
C TYR A 73 -4.98 5.36 -0.49
N VAL A 74 -4.26 4.28 -0.20
CA VAL A 74 -3.33 4.25 0.93
C VAL A 74 -1.89 4.02 0.46
N LEU A 75 -0.98 4.85 0.95
CA LEU A 75 0.43 4.74 0.58
C LEU A 75 1.01 3.43 1.07
N THR A 76 1.44 2.58 0.13
CA THR A 76 2.03 1.29 0.47
C THR A 76 3.41 1.47 1.08
N CYS A 77 4.04 2.59 0.80
CA CYS A 77 5.38 2.88 1.31
C CYS A 77 5.31 3.31 2.78
N VAL A 78 4.09 3.46 3.29
CA VAL A 78 3.87 3.86 4.67
C VAL A 78 2.53 3.38 5.19
N ALA A 79 2.22 2.12 4.93
CA ALA A 79 0.96 1.53 5.37
C ALA A 79 1.21 0.35 6.31
N TYR A 80 0.51 0.35 7.44
CA TYR A 80 0.65 -0.73 8.42
C TYR A 80 -0.57 -1.65 8.40
N PRO A 81 -0.45 -2.77 7.65
CA PRO A 81 -1.51 -3.75 7.52
C PRO A 81 -1.74 -4.53 8.82
N THR A 82 -2.46 -3.92 9.76
CA THR A 82 -2.73 -4.55 11.03
C THR A 82 -3.35 -5.94 10.84
N SER A 83 -4.04 -6.12 9.72
CA SER A 83 -4.68 -7.39 9.41
C SER A 83 -4.74 -7.63 7.91
N ASP A 84 -5.26 -8.78 7.52
CA ASP A 84 -5.37 -9.13 6.11
C ASP A 84 -6.03 -8.00 5.32
N CYS A 85 -5.39 -7.59 4.23
CA CYS A 85 -5.92 -6.52 3.39
C CYS A 85 -5.64 -6.80 1.91
N THR A 86 -6.42 -6.16 1.04
CA THR A 86 -6.26 -6.34 -0.39
C THR A 86 -6.00 -5.01 -1.09
N ILE A 87 -4.78 -4.49 -0.95
CA ILE A 87 -4.41 -3.23 -1.57
C ILE A 87 -4.30 -3.37 -3.08
N GLU A 88 -4.87 -2.40 -3.79
CA GLU A 88 -4.83 -2.41 -5.25
C GLU A 88 -3.76 -1.46 -5.78
N THR A 89 -2.67 -2.03 -6.30
CA THR A 89 -1.58 -1.23 -6.83
C THR A 89 -1.99 -0.53 -8.12
N HIS A 90 -1.08 0.29 -8.66
CA HIS A 90 -1.36 1.02 -9.90
C HIS A 90 -2.58 1.91 -9.75
N LYS A 91 -2.56 2.78 -8.75
CA LYS A 91 -3.67 3.69 -8.50
C LYS A 91 -3.17 5.04 -8.00
N GLU A 92 -2.37 5.71 -8.83
CA GLU A 92 -1.82 7.01 -8.47
C GLU A 92 -2.17 8.06 -9.54
N GLU A 93 -3.25 7.81 -10.26
CA GLU A 93 -3.69 8.73 -11.32
C GLU A 93 -4.85 9.59 -10.83
N ASP A 94 -5.58 9.09 -9.84
CA ASP A 94 -6.71 9.81 -9.28
C ASP A 94 -6.26 11.06 -8.53
N LEU A 95 -5.01 11.05 -8.08
CA LEU A 95 -4.44 12.17 -7.34
C LEU A 95 -3.70 13.11 -8.28
N TYR A 96 -4.01 13.03 -9.56
CA TYR A 96 -3.35 13.88 -10.56
C TYR A 96 -4.39 14.60 -11.42
GA GA B . 6.11 6.48 -1.61
N ALA A 1 3.47 -10.74 13.92
CA ALA A 1 2.13 -11.02 13.42
C ALA A 1 1.97 -10.53 11.99
N SER A 2 2.20 -11.42 11.03
CA SER A 2 2.08 -11.07 9.62
C SER A 2 0.75 -11.58 9.05
N TYR A 3 0.13 -10.76 8.20
CA TYR A 3 -1.14 -11.11 7.59
C TYR A 3 -1.02 -11.16 6.07
N THR A 4 -1.92 -11.89 5.43
CA THR A 4 -1.91 -12.02 3.98
C THR A 4 -2.30 -10.71 3.31
N VAL A 5 -1.38 -10.14 2.55
CA VAL A 5 -1.64 -8.88 1.86
C VAL A 5 -1.71 -9.09 0.35
N LYS A 6 -2.91 -8.97 -0.20
CA LYS A 6 -3.12 -9.15 -1.63
C LYS A 6 -2.81 -7.86 -2.40
N LEU A 7 -1.82 -7.92 -3.28
CA LEU A 7 -1.42 -6.76 -4.07
C LEU A 7 -1.90 -6.90 -5.51
N ILE A 8 -3.07 -6.34 -5.80
CA ILE A 8 -3.63 -6.39 -7.14
C ILE A 8 -2.76 -5.63 -8.14
N THR A 9 -2.47 -6.27 -9.27
CA THR A 9 -1.64 -5.65 -10.30
C THR A 9 -2.15 -6.03 -11.70
N PRO A 10 -1.87 -5.16 -12.68
CA PRO A 10 -2.28 -5.37 -14.07
C PRO A 10 -1.50 -6.50 -14.73
N ASP A 11 -0.48 -6.99 -14.03
CA ASP A 11 0.34 -8.08 -14.56
C ASP A 11 0.09 -9.38 -13.79
N GLY A 12 -1.03 -9.42 -13.09
CA GLY A 12 -1.38 -10.61 -12.31
C GLY A 12 -1.79 -10.28 -10.90
N GLU A 13 -2.00 -11.31 -10.09
CA GLU A 13 -2.40 -11.12 -8.70
C GLU A 13 -1.39 -11.78 -7.74
N SER A 14 -0.60 -10.95 -7.07
CA SER A 14 0.39 -11.44 -6.14
C SER A 14 -0.10 -11.34 -4.70
N SER A 15 0.55 -12.07 -3.79
CA SER A 15 0.17 -12.07 -2.39
C SER A 15 1.40 -12.20 -1.49
N ILE A 16 1.68 -11.17 -0.71
CA ILE A 16 2.82 -11.17 0.20
C ILE A 16 2.37 -11.09 1.65
N GLU A 17 3.26 -11.46 2.55
CA GLU A 17 2.95 -11.42 3.98
C GLU A 17 3.68 -10.27 4.67
N CYS A 18 2.92 -9.30 5.17
CA CYS A 18 3.50 -8.15 5.83
C CYS A 18 3.11 -8.13 7.31
N SER A 19 3.97 -7.55 8.14
CA SER A 19 3.72 -7.47 9.58
C SER A 19 3.14 -6.11 9.95
N ASP A 20 2.41 -6.07 11.06
CA ASP A 20 1.81 -4.83 11.54
C ASP A 20 2.88 -3.76 11.78
N ASP A 21 4.10 -4.21 12.03
CA ASP A 21 5.21 -3.29 12.28
C ASP A 21 6.14 -3.23 11.07
N THR A 22 5.56 -3.30 9.87
CA THR A 22 6.35 -3.26 8.65
C THR A 22 5.56 -2.60 7.51
N TYR A 23 6.28 -2.08 6.52
CA TYR A 23 5.64 -1.42 5.39
C TYR A 23 5.31 -2.43 4.29
N ILE A 24 4.15 -2.25 3.68
CA ILE A 24 3.71 -3.14 2.61
C ILE A 24 4.67 -3.10 1.43
N LEU A 25 5.32 -1.97 1.24
CA LEU A 25 6.29 -1.80 0.15
C LEU A 25 7.57 -2.56 0.44
N ASP A 26 8.10 -2.39 1.65
CA ASP A 26 9.32 -3.06 2.05
C ASP A 26 9.18 -4.58 1.94
N ALA A 27 8.08 -5.10 2.47
CA ALA A 27 7.83 -6.54 2.42
C ALA A 27 7.43 -6.98 1.01
N ALA A 28 7.15 -6.01 0.15
CA ALA A 28 6.75 -6.30 -1.22
C ALA A 28 7.98 -6.49 -2.12
N GLU A 29 8.76 -5.42 -2.28
CA GLU A 29 9.95 -5.47 -3.11
C GLU A 29 10.94 -6.51 -2.58
N GLU A 30 10.96 -6.68 -1.26
CA GLU A 30 11.86 -7.64 -0.63
C GLU A 30 11.44 -9.07 -0.96
N ALA A 31 10.16 -9.25 -1.31
CA ALA A 31 9.64 -10.56 -1.65
C ALA A 31 9.65 -10.78 -3.16
N GLY A 32 9.35 -9.73 -3.91
CA GLY A 32 9.34 -9.83 -5.36
C GLY A 32 8.41 -8.81 -6.00
N LEU A 33 7.49 -8.27 -5.21
CA LEU A 33 6.55 -7.27 -5.71
C LEU A 33 7.25 -5.94 -5.98
N ASP A 34 7.42 -5.62 -7.26
CA ASP A 34 8.07 -4.37 -7.65
C ASP A 34 7.04 -3.27 -7.90
N LEU A 35 6.16 -3.06 -6.92
CA LEU A 35 5.13 -2.04 -7.03
C LEU A 35 5.72 -0.69 -7.40
N PRO A 36 4.88 0.21 -7.93
CA PRO A 36 5.31 1.55 -8.34
C PRO A 36 5.68 2.43 -7.16
N TYR A 37 6.93 2.36 -6.74
CA TYR A 37 7.41 3.15 -5.62
C TYR A 37 8.57 4.05 -6.04
N SER A 38 8.76 5.14 -5.30
CA SER A 38 9.83 6.08 -5.60
C SER A 38 10.44 6.64 -4.31
N CYS A 39 9.58 6.96 -3.35
CA CYS A 39 10.04 7.50 -2.08
C CYS A 39 10.29 6.39 -1.07
N ARG A 40 9.48 5.34 -1.14
CA ARG A 40 9.62 4.20 -0.24
C ARG A 40 9.97 4.67 1.17
N ALA A 41 9.32 5.75 1.61
CA ALA A 41 9.57 6.30 2.94
C ALA A 41 8.32 6.97 3.49
N GLY A 42 7.58 7.65 2.62
CA GLY A 42 6.38 8.34 3.05
C GLY A 42 6.35 9.79 2.61
N ALA A 43 6.12 10.01 1.32
CA ALA A 43 6.07 11.36 0.78
C ALA A 43 5.76 11.34 -0.71
N CYS A 44 4.88 10.43 -1.11
CA CYS A 44 4.49 10.31 -2.51
C CYS A 44 3.10 9.68 -2.64
N SER A 45 2.65 9.52 -3.89
CA SER A 45 1.34 8.93 -4.14
C SER A 45 1.41 7.95 -5.32
N THR A 46 2.63 7.66 -5.76
CA THR A 46 2.84 6.74 -6.88
C THR A 46 2.70 5.29 -6.43
N CYS A 47 2.92 5.06 -5.13
CA CYS A 47 2.83 3.72 -4.57
C CYS A 47 1.48 3.50 -3.89
N ALA A 48 0.74 4.59 -3.69
CA ALA A 48 -0.57 4.52 -3.06
C ALA A 48 -1.44 3.46 -3.71
N GLY A 49 -2.25 2.79 -2.89
CA GLY A 49 -3.13 1.73 -3.41
C GLY A 49 -4.53 1.83 -2.85
N LYS A 50 -5.53 1.69 -3.72
CA LYS A 50 -6.92 1.77 -3.31
C LYS A 50 -7.33 0.50 -2.57
N ILE A 51 -7.56 0.62 -1.27
CA ILE A 51 -7.97 -0.51 -0.45
C ILE A 51 -9.44 -0.42 -0.08
N THR A 52 -10.14 -1.56 -0.15
CA THR A 52 -11.55 -1.60 0.18
C THR A 52 -11.86 -2.76 1.13
N ALA A 53 -11.19 -3.90 0.91
CA ALA A 53 -11.39 -5.07 1.74
C ALA A 53 -10.21 -5.28 2.68
N GLY A 54 -10.22 -4.54 3.79
CA GLY A 54 -9.15 -4.66 4.76
C GLY A 54 -8.95 -3.39 5.56
N SER A 55 -7.71 -3.15 6.00
CA SER A 55 -7.39 -1.96 6.77
C SER A 55 -5.88 -1.81 6.94
N VAL A 56 -5.44 -0.57 7.17
CA VAL A 56 -4.02 -0.29 7.34
C VAL A 56 -3.81 0.93 8.24
N ASP A 57 -2.56 1.19 8.58
CA ASP A 57 -2.22 2.34 9.43
C ASP A 57 -1.19 3.23 8.74
N GLN A 58 -1.62 4.43 8.35
CA GLN A 58 -0.73 5.38 7.69
C GLN A 58 -0.70 6.71 8.44
N SER A 59 -0.08 6.72 9.61
CA SER A 59 0.00 7.92 10.42
C SER A 59 1.38 8.58 10.27
N ASP A 60 2.12 8.16 9.26
CA ASP A 60 3.45 8.70 9.01
C ASP A 60 3.49 9.41 7.65
N GLN A 61 2.52 9.10 6.80
CA GLN A 61 2.44 9.71 5.47
C GLN A 61 2.52 11.23 5.57
N SER A 62 2.67 11.89 4.42
CA SER A 62 2.77 13.34 4.37
C SER A 62 2.25 13.87 3.04
N PHE A 63 1.46 13.06 2.34
CA PHE A 63 0.91 13.45 1.06
C PHE A 63 -0.62 13.44 1.09
N LEU A 64 -1.19 12.27 1.34
CA LEU A 64 -2.64 12.12 1.41
C LEU A 64 -3.23 13.00 2.51
N ASP A 65 -4.51 12.79 2.80
CA ASP A 65 -5.19 13.56 3.83
C ASP A 65 -6.57 12.96 4.14
N ASP A 66 -7.37 13.70 4.89
CA ASP A 66 -8.71 13.25 5.25
C ASP A 66 -9.54 12.97 4.00
N ASP A 67 -9.15 13.57 2.89
CA ASP A 67 -9.87 13.39 1.63
C ASP A 67 -9.37 12.14 0.90
N GLN A 68 -8.06 12.07 0.68
CA GLN A 68 -7.47 10.92 -0.01
C GLN A 68 -7.72 9.64 0.77
N ILE A 69 -7.27 9.61 2.02
CA ILE A 69 -7.44 8.44 2.86
C ILE A 69 -8.89 7.98 2.88
N GLU A 70 -9.81 8.93 2.72
CA GLU A 70 -11.24 8.63 2.71
C GLU A 70 -11.60 7.73 1.53
N ALA A 71 -11.12 8.11 0.34
CA ALA A 71 -11.39 7.34 -0.86
C ALA A 71 -10.97 5.88 -0.70
N GLY A 72 -9.84 5.68 -0.01
CA GLY A 72 -9.34 4.33 0.20
C GLY A 72 -7.90 4.18 -0.22
N TYR A 73 -7.31 5.25 -0.76
CA TYR A 73 -5.93 5.22 -1.21
C TYR A 73 -4.98 5.19 -0.01
N VAL A 74 -4.20 4.12 0.09
CA VAL A 74 -3.24 3.97 1.17
C VAL A 74 -1.82 3.82 0.64
N LEU A 75 -0.90 4.60 1.21
CA LEU A 75 0.50 4.55 0.79
C LEU A 75 1.17 3.25 1.24
N THR A 76 1.50 2.41 0.28
CA THR A 76 2.14 1.13 0.58
C THR A 76 3.52 1.34 1.19
N CYS A 77 4.09 2.52 0.96
CA CYS A 77 5.41 2.85 1.49
C CYS A 77 5.32 3.24 2.96
N VAL A 78 4.10 3.41 3.45
CA VAL A 78 3.88 3.80 4.84
C VAL A 78 2.53 3.31 5.33
N ALA A 79 2.24 2.03 5.09
CA ALA A 79 0.97 1.45 5.51
C ALA A 79 1.21 0.21 6.39
N TYR A 80 0.55 0.19 7.55
CA TYR A 80 0.69 -0.92 8.48
C TYR A 80 -0.59 -1.76 8.52
N PRO A 81 -0.67 -2.75 7.63
CA PRO A 81 -1.83 -3.64 7.55
C PRO A 81 -1.93 -4.58 8.75
N THR A 82 -2.56 -4.10 9.82
CA THR A 82 -2.72 -4.89 11.03
C THR A 82 -3.41 -6.22 10.73
N SER A 83 -4.18 -6.25 9.65
CA SER A 83 -4.90 -7.46 9.26
C SER A 83 -4.88 -7.63 7.75
N ASP A 84 -5.33 -8.80 7.28
CA ASP A 84 -5.35 -9.10 5.86
C ASP A 84 -6.04 -7.99 5.08
N CYS A 85 -5.59 -7.74 3.86
CA CYS A 85 -6.17 -6.72 3.01
C CYS A 85 -5.77 -6.91 1.56
N THR A 86 -6.50 -6.28 0.65
CA THR A 86 -6.23 -6.38 -0.78
C THR A 86 -5.96 -5.01 -1.39
N ILE A 87 -4.74 -4.51 -1.20
CA ILE A 87 -4.35 -3.22 -1.74
C ILE A 87 -4.24 -3.26 -3.26
N GLU A 88 -4.92 -2.32 -3.92
CA GLU A 88 -4.90 -2.25 -5.37
C GLU A 88 -3.79 -1.32 -5.85
N THR A 89 -2.74 -1.90 -6.44
CA THR A 89 -1.61 -1.13 -6.94
C THR A 89 -1.99 -0.39 -8.22
N HIS A 90 -1.07 0.46 -8.69
CA HIS A 90 -1.30 1.22 -9.92
C HIS A 90 -2.55 2.10 -9.79
N LYS A 91 -2.61 2.87 -8.70
CA LYS A 91 -3.74 3.75 -8.46
C LYS A 91 -3.27 5.15 -8.07
N GLU A 92 -2.40 5.73 -8.90
CA GLU A 92 -1.88 7.06 -8.64
C GLU A 92 -2.31 8.04 -9.73
N GLU A 93 -3.50 7.81 -10.27
CA GLU A 93 -4.04 8.68 -11.33
C GLU A 93 -5.22 9.50 -10.81
N ASP A 94 -5.86 9.00 -9.75
CA ASP A 94 -7.00 9.69 -9.17
C ASP A 94 -6.56 10.95 -8.44
N LEU A 95 -5.27 11.04 -8.14
CA LEU A 95 -4.72 12.19 -7.43
C LEU A 95 -4.04 13.14 -8.42
N TYR A 96 -4.10 12.81 -9.70
CA TYR A 96 -3.49 13.63 -10.74
C TYR A 96 -4.47 13.87 -11.88
GA GA B . 5.51 6.33 -1.35
N ALA A 1 3.75 -11.29 13.54
CA ALA A 1 2.32 -11.05 13.35
C ALA A 1 2.06 -10.42 11.99
N SER A 2 2.23 -11.20 10.93
CA SER A 2 2.01 -10.73 9.57
C SER A 2 0.67 -11.21 9.04
N TYR A 3 0.08 -10.44 8.13
CA TYR A 3 -1.20 -10.79 7.53
C TYR A 3 -1.12 -10.76 6.01
N THR A 4 -1.89 -11.63 5.37
CA THR A 4 -1.91 -11.71 3.91
C THR A 4 -2.26 -10.36 3.29
N VAL A 5 -1.39 -9.86 2.42
CA VAL A 5 -1.61 -8.58 1.76
C VAL A 5 -1.78 -8.76 0.26
N LYS A 6 -3.04 -8.74 -0.19
CA LYS A 6 -3.34 -8.91 -1.61
C LYS A 6 -2.99 -7.65 -2.38
N LEU A 7 -1.97 -7.74 -3.23
CA LEU A 7 -1.54 -6.61 -4.04
C LEU A 7 -1.99 -6.76 -5.49
N ILE A 8 -3.17 -6.21 -5.79
CA ILE A 8 -3.71 -6.28 -7.14
C ILE A 8 -2.84 -5.52 -8.13
N THR A 9 -2.55 -6.15 -9.26
CA THR A 9 -1.72 -5.53 -10.29
C THR A 9 -2.21 -5.91 -11.69
N PRO A 10 -1.94 -5.03 -12.66
CA PRO A 10 -2.34 -5.25 -14.06
C PRO A 10 -1.57 -6.38 -14.72
N ASP A 11 -0.55 -6.87 -14.02
CA ASP A 11 0.27 -7.96 -14.55
C ASP A 11 0.01 -9.25 -13.79
N GLY A 12 -1.11 -9.30 -13.08
CA GLY A 12 -1.47 -10.49 -12.32
C GLY A 12 -1.86 -10.16 -10.89
N GLU A 13 -2.03 -11.20 -10.07
CA GLU A 13 -2.41 -11.02 -8.68
C GLU A 13 -1.38 -11.66 -7.75
N SER A 14 -0.60 -10.82 -7.07
CA SER A 14 0.41 -11.30 -6.15
C SER A 14 -0.05 -11.20 -4.70
N SER A 15 0.61 -11.93 -3.82
CA SER A 15 0.25 -11.92 -2.40
C SER A 15 1.50 -12.00 -1.53
N ILE A 16 1.61 -11.09 -0.57
CA ILE A 16 2.75 -11.05 0.34
C ILE A 16 2.29 -10.87 1.78
N GLU A 17 3.03 -11.49 2.71
CA GLU A 17 2.71 -11.40 4.12
C GLU A 17 3.51 -10.29 4.79
N CYS A 18 2.83 -9.22 5.17
CA CYS A 18 3.48 -8.09 5.82
C CYS A 18 3.02 -7.95 7.28
N SER A 19 3.84 -7.30 8.08
CA SER A 19 3.53 -7.11 9.50
C SER A 19 3.03 -5.69 9.76
N ASP A 20 2.30 -5.52 10.86
CA ASP A 20 1.76 -4.21 11.22
C ASP A 20 2.89 -3.21 11.47
N ASP A 21 4.04 -3.73 11.88
CA ASP A 21 5.21 -2.89 12.16
C ASP A 21 6.15 -2.85 10.97
N THR A 22 5.59 -2.76 9.77
CA THR A 22 6.39 -2.71 8.55
C THR A 22 5.61 -2.09 7.40
N TYR A 23 6.31 -1.78 6.32
CA TYR A 23 5.68 -1.17 5.15
C TYR A 23 5.42 -2.23 4.07
N ILE A 24 4.22 -2.20 3.50
CA ILE A 24 3.85 -3.15 2.46
C ILE A 24 4.87 -3.16 1.33
N LEU A 25 5.38 -1.97 0.99
CA LEU A 25 6.37 -1.85 -0.07
C LEU A 25 7.64 -2.62 0.28
N ASP A 26 8.12 -2.43 1.50
CA ASP A 26 9.33 -3.11 1.96
C ASP A 26 9.21 -4.62 1.76
N ALA A 27 8.22 -5.23 2.40
CA ALA A 27 8.00 -6.67 2.29
C ALA A 27 7.66 -7.06 0.86
N ALA A 28 7.15 -6.11 0.08
CA ALA A 28 6.79 -6.36 -1.30
C ALA A 28 8.02 -6.61 -2.15
N GLU A 29 8.79 -5.55 -2.41
CA GLU A 29 10.00 -5.66 -3.22
C GLU A 29 10.96 -6.68 -2.62
N GLU A 30 10.90 -6.84 -1.30
CA GLU A 30 11.77 -7.79 -0.61
C GLU A 30 11.41 -9.23 -0.98
N ALA A 31 10.19 -9.42 -1.48
CA ALA A 31 9.73 -10.74 -1.87
C ALA A 31 9.71 -10.89 -3.39
N GLY A 32 9.31 -9.82 -4.07
CA GLY A 32 9.25 -9.84 -5.52
C GLY A 32 8.36 -8.75 -6.09
N LEU A 33 7.43 -8.27 -5.27
CA LEU A 33 6.51 -7.22 -5.69
C LEU A 33 7.26 -5.92 -5.99
N ASP A 34 7.36 -5.59 -7.27
CA ASP A 34 8.05 -4.37 -7.69
C ASP A 34 7.05 -3.26 -7.97
N LEU A 35 6.16 -3.01 -7.01
CA LEU A 35 5.15 -1.97 -7.15
C LEU A 35 5.79 -0.64 -7.55
N PRO A 36 4.97 0.27 -8.09
CA PRO A 36 5.43 1.60 -8.53
C PRO A 36 5.81 2.49 -7.35
N TYR A 37 7.05 2.36 -6.89
CA TYR A 37 7.54 3.17 -5.77
C TYR A 37 8.72 4.03 -6.19
N SER A 38 8.94 5.11 -5.45
CA SER A 38 10.04 6.03 -5.75
C SER A 38 10.66 6.56 -4.47
N CYS A 39 9.81 6.93 -3.51
CA CYS A 39 10.27 7.45 -2.23
C CYS A 39 10.44 6.34 -1.21
N ARG A 40 9.58 5.33 -1.28
CA ARG A 40 9.63 4.20 -0.36
C ARG A 40 9.99 4.67 1.05
N ALA A 41 9.39 5.77 1.47
CA ALA A 41 9.65 6.33 2.79
C ALA A 41 8.42 7.09 3.31
N GLY A 42 7.74 7.78 2.42
CA GLY A 42 6.57 8.54 2.81
C GLY A 42 6.62 9.98 2.33
N ALA A 43 6.40 10.18 1.03
CA ALA A 43 6.42 11.51 0.46
C ALA A 43 6.08 11.47 -1.03
N CYS A 44 5.17 10.60 -1.40
CA CYS A 44 4.75 10.45 -2.80
C CYS A 44 3.38 9.80 -2.89
N SER A 45 2.90 9.62 -4.12
CA SER A 45 1.60 9.01 -4.35
C SER A 45 1.65 8.04 -5.52
N THR A 46 2.87 7.74 -5.98
CA THR A 46 3.05 6.82 -7.09
C THR A 46 2.92 5.37 -6.64
N CYS A 47 3.11 5.14 -5.35
CA CYS A 47 3.01 3.80 -4.78
C CYS A 47 1.67 3.61 -4.09
N ALA A 48 0.93 4.70 -3.92
CA ALA A 48 -0.38 4.64 -3.28
C ALA A 48 -1.25 3.54 -3.88
N GLY A 49 -2.08 2.94 -3.05
CA GLY A 49 -2.95 1.87 -3.51
C GLY A 49 -4.36 1.99 -2.95
N LYS A 50 -5.36 1.88 -3.82
CA LYS A 50 -6.75 1.98 -3.41
C LYS A 50 -7.17 0.74 -2.62
N ILE A 51 -7.42 0.93 -1.33
CA ILE A 51 -7.82 -0.17 -0.47
C ILE A 51 -9.29 -0.04 -0.06
N THR A 52 -10.01 -1.16 -0.07
CA THR A 52 -11.42 -1.17 0.29
C THR A 52 -11.73 -2.29 1.28
N ALA A 53 -11.11 -3.45 1.06
CA ALA A 53 -11.32 -4.59 1.92
C ALA A 53 -10.09 -4.86 2.79
N GLY A 54 -9.99 -4.15 3.91
CA GLY A 54 -8.85 -4.31 4.80
C GLY A 54 -8.72 -3.17 5.78
N SER A 55 -7.47 -2.88 6.16
CA SER A 55 -7.21 -1.79 7.11
C SER A 55 -5.71 -1.59 7.29
N VAL A 56 -5.25 -0.35 7.11
CA VAL A 56 -3.84 -0.03 7.25
C VAL A 56 -3.65 1.28 8.00
N ASP A 57 -2.56 1.38 8.75
CA ASP A 57 -2.26 2.59 9.52
C ASP A 57 -1.19 3.42 8.82
N GLN A 58 -1.55 4.64 8.44
CA GLN A 58 -0.62 5.53 7.76
C GLN A 58 -0.57 6.90 8.45
N SER A 59 0.02 6.93 9.63
CA SER A 59 0.13 8.17 10.40
C SER A 59 1.50 8.81 10.20
N ASP A 60 2.23 8.35 9.19
CA ASP A 60 3.55 8.87 8.91
C ASP A 60 3.59 9.54 7.53
N GLN A 61 2.61 9.19 6.69
CA GLN A 61 2.53 9.76 5.35
C GLN A 61 2.47 11.27 5.39
N SER A 62 2.40 11.90 4.22
CA SER A 62 2.34 13.35 4.13
C SER A 62 1.55 13.79 2.90
N PHE A 63 1.78 13.09 1.79
CA PHE A 63 1.09 13.41 0.54
C PHE A 63 -0.41 13.52 0.76
N LEU A 64 -1.01 12.46 1.30
CA LEU A 64 -2.45 12.44 1.55
C LEU A 64 -2.79 13.29 2.79
N ASP A 65 -4.08 13.53 2.99
CA ASP A 65 -4.54 14.32 4.13
C ASP A 65 -5.77 13.69 4.76
N ASP A 66 -6.91 13.83 4.10
CA ASP A 66 -8.16 13.27 4.60
C ASP A 66 -9.02 12.75 3.45
N ASP A 67 -9.14 13.55 2.40
CA ASP A 67 -9.93 13.18 1.24
C ASP A 67 -9.32 11.97 0.53
N GLN A 68 -8.00 11.97 0.40
CA GLN A 68 -7.30 10.88 -0.27
C GLN A 68 -7.58 9.55 0.44
N ILE A 69 -7.30 9.51 1.74
CA ILE A 69 -7.52 8.30 2.53
C ILE A 69 -8.99 7.91 2.54
N GLU A 70 -9.87 8.91 2.54
CA GLU A 70 -11.31 8.67 2.55
C GLU A 70 -11.71 7.71 1.43
N ALA A 71 -11.19 7.95 0.24
CA ALA A 71 -11.48 7.10 -0.91
C ALA A 71 -10.97 5.68 -0.70
N GLY A 72 -9.84 5.57 -0.02
CA GLY A 72 -9.27 4.26 0.25
C GLY A 72 -7.80 4.19 -0.14
N TYR A 73 -7.32 5.21 -0.84
CA TYR A 73 -5.93 5.24 -1.28
C TYR A 73 -4.98 5.25 -0.09
N VAL A 74 -4.08 4.27 -0.04
CA VAL A 74 -3.10 4.17 1.04
C VAL A 74 -1.69 4.02 0.50
N LEU A 75 -0.77 4.82 1.04
CA LEU A 75 0.62 4.78 0.60
C LEU A 75 1.30 3.50 1.08
N THR A 76 1.61 2.62 0.14
CA THR A 76 2.27 1.35 0.46
C THR A 76 3.64 1.59 1.07
N CYS A 77 4.20 2.77 0.84
CA CYS A 77 5.51 3.12 1.37
C CYS A 77 5.41 3.55 2.83
N VAL A 78 4.18 3.70 3.32
CA VAL A 78 3.96 4.11 4.70
C VAL A 78 2.60 3.61 5.20
N ALA A 79 2.33 2.32 4.99
CA ALA A 79 1.07 1.72 5.42
C ALA A 79 1.32 0.56 6.37
N TYR A 80 0.55 0.51 7.45
CA TYR A 80 0.69 -0.54 8.45
C TYR A 80 -0.54 -1.44 8.46
N PRO A 81 -0.53 -2.45 7.57
CA PRO A 81 -1.65 -3.40 7.46
C PRO A 81 -1.73 -4.33 8.66
N THR A 82 -2.37 -3.86 9.72
CA THR A 82 -2.53 -4.65 10.94
C THR A 82 -3.30 -5.94 10.67
N SER A 83 -4.02 -5.96 9.55
CA SER A 83 -4.80 -7.13 9.18
C SER A 83 -4.82 -7.31 7.66
N ASP A 84 -5.31 -8.47 7.21
CA ASP A 84 -5.37 -8.76 5.79
C ASP A 84 -6.05 -7.63 5.03
N CYS A 85 -5.51 -7.32 3.85
CA CYS A 85 -6.06 -6.25 3.02
C CYS A 85 -5.73 -6.47 1.55
N THR A 86 -6.59 -5.97 0.67
CA THR A 86 -6.39 -6.12 -0.76
C THR A 86 -6.07 -4.77 -1.41
N ILE A 87 -4.84 -4.31 -1.23
CA ILE A 87 -4.41 -3.04 -1.80
C ILE A 87 -4.33 -3.12 -3.32
N GLU A 88 -4.90 -2.12 -3.99
CA GLU A 88 -4.89 -2.08 -5.45
C GLU A 88 -3.77 -1.18 -5.96
N THR A 89 -2.70 -1.80 -6.46
CA THR A 89 -1.57 -1.04 -6.98
C THR A 89 -1.93 -0.28 -8.25
N HIS A 90 -1.02 0.56 -8.72
CA HIS A 90 -1.25 1.34 -9.93
C HIS A 90 -2.49 2.23 -9.76
N LYS A 91 -2.82 2.55 -8.51
CA LYS A 91 -3.97 3.39 -8.22
C LYS A 91 -3.52 4.80 -7.80
N GLU A 92 -2.76 5.45 -8.67
CA GLU A 92 -2.26 6.79 -8.39
C GLU A 92 -2.82 7.79 -9.40
N GLU A 93 -3.16 7.30 -10.59
CA GLU A 93 -3.71 8.15 -11.64
C GLU A 93 -4.93 8.91 -11.15
N ASP A 94 -5.62 8.35 -10.17
CA ASP A 94 -6.80 8.99 -9.61
C ASP A 94 -6.46 10.35 -9.02
N LEU A 95 -5.20 10.54 -8.65
CA LEU A 95 -4.75 11.80 -8.07
C LEU A 95 -4.26 12.75 -9.16
N TYR A 96 -3.69 12.18 -10.23
CA TYR A 96 -3.18 12.98 -11.33
C TYR A 96 -3.20 12.17 -12.63
GA GA B . 5.69 6.50 -1.58
N ALA A 1 0.72 -10.96 14.38
CA ALA A 1 0.82 -9.99 13.29
C ALA A 1 1.27 -10.66 12.00
N SER A 2 1.67 -9.85 11.02
CA SER A 2 2.12 -10.37 9.73
C SER A 2 0.98 -11.07 9.00
N TYR A 3 -0.04 -10.30 8.64
CA TYR A 3 -1.19 -10.85 7.94
C TYR A 3 -0.92 -10.96 6.44
N THR A 4 -1.94 -11.38 5.69
CA THR A 4 -1.80 -11.55 4.25
C THR A 4 -2.20 -10.27 3.51
N VAL A 5 -1.33 -9.80 2.62
CA VAL A 5 -1.60 -8.60 1.85
C VAL A 5 -1.71 -8.91 0.36
N LYS A 6 -2.92 -8.73 -0.18
CA LYS A 6 -3.16 -8.99 -1.60
C LYS A 6 -2.90 -7.75 -2.43
N LEU A 7 -1.80 -7.76 -3.18
CA LEU A 7 -1.44 -6.63 -4.02
C LEU A 7 -1.89 -6.86 -5.46
N ILE A 8 -3.04 -6.29 -5.81
CA ILE A 8 -3.58 -6.43 -7.16
C ILE A 8 -2.71 -5.71 -8.18
N THR A 9 -2.39 -6.40 -9.26
CA THR A 9 -1.56 -5.83 -10.32
C THR A 9 -2.06 -6.25 -11.70
N PRO A 10 -1.79 -5.41 -12.70
CA PRO A 10 -2.20 -5.67 -14.09
C PRO A 10 -1.43 -6.82 -14.71
N ASP A 11 -0.40 -7.30 -14.00
CA ASP A 11 0.41 -8.40 -14.49
C ASP A 11 0.15 -9.67 -13.67
N GLY A 12 -0.97 -9.69 -12.97
CA GLY A 12 -1.31 -10.85 -12.16
C GLY A 12 -1.69 -10.48 -10.74
N GLU A 13 -1.83 -11.47 -9.88
CA GLU A 13 -2.19 -11.24 -8.49
C GLU A 13 -1.17 -11.86 -7.54
N SER A 14 -0.66 -11.05 -6.62
CA SER A 14 0.35 -11.51 -5.67
C SER A 14 -0.15 -11.33 -4.23
N SER A 15 0.41 -12.10 -3.31
CA SER A 15 0.03 -12.02 -1.91
C SER A 15 1.26 -12.11 -1.00
N ILE A 16 1.68 -10.95 -0.50
CA ILE A 16 2.84 -10.89 0.38
C ILE A 16 2.43 -10.65 1.83
N GLU A 17 3.28 -11.07 2.76
CA GLU A 17 3.00 -10.90 4.18
C GLU A 17 3.68 -9.66 4.73
N CYS A 18 2.95 -8.90 5.55
CA CYS A 18 3.49 -7.68 6.14
C CYS A 18 3.06 -7.55 7.60
N SER A 19 4.03 -7.31 8.48
CA SER A 19 3.76 -7.17 9.90
C SER A 19 3.15 -5.80 10.20
N ASP A 20 2.37 -5.73 11.28
CA ASP A 20 1.73 -4.49 11.68
C ASP A 20 2.75 -3.38 11.87
N ASP A 21 3.99 -3.77 12.16
CA ASP A 21 5.07 -2.80 12.36
C ASP A 21 6.03 -2.81 11.18
N THR A 22 5.47 -2.88 9.97
CA THR A 22 6.28 -2.89 8.76
C THR A 22 5.52 -2.28 7.57
N TYR A 23 6.23 -2.03 6.48
CA TYR A 23 5.62 -1.45 5.29
C TYR A 23 5.44 -2.50 4.20
N ILE A 24 4.25 -2.54 3.61
CA ILE A 24 3.95 -3.49 2.55
C ILE A 24 4.99 -3.41 1.44
N LEU A 25 5.37 -2.20 1.07
CA LEU A 25 6.36 -1.99 0.01
C LEU A 25 7.63 -2.79 0.29
N ASP A 26 8.19 -2.61 1.48
CA ASP A 26 9.40 -3.31 1.87
C ASP A 26 9.20 -4.83 1.76
N ALA A 27 8.02 -5.29 2.15
CA ALA A 27 7.70 -6.71 2.10
C ALA A 27 7.33 -7.14 0.68
N ALA A 28 7.30 -6.18 -0.23
CA ALA A 28 6.95 -6.46 -1.62
C ALA A 28 8.20 -6.55 -2.50
N GLU A 29 8.95 -5.45 -2.55
CA GLU A 29 10.17 -5.39 -3.35
C GLU A 29 11.18 -6.43 -2.86
N GLU A 30 11.25 -6.59 -1.54
CA GLU A 30 12.19 -7.54 -0.95
C GLU A 30 11.84 -8.98 -1.36
N ALA A 31 10.58 -9.20 -1.71
CA ALA A 31 10.12 -10.51 -2.12
C ALA A 31 10.21 -10.68 -3.63
N GLY A 32 9.84 -9.63 -4.37
CA GLY A 32 9.89 -9.69 -5.82
C GLY A 32 8.93 -8.72 -6.47
N LEU A 33 7.94 -8.28 -5.71
CA LEU A 33 6.94 -7.32 -6.22
C LEU A 33 7.56 -5.96 -6.44
N ASP A 34 7.78 -5.60 -7.70
CA ASP A 34 8.35 -4.31 -8.05
C ASP A 34 7.27 -3.25 -8.22
N LEU A 35 6.43 -3.10 -7.21
CA LEU A 35 5.35 -2.12 -7.24
C LEU A 35 5.88 -0.74 -7.62
N PRO A 36 4.97 0.14 -8.08
CA PRO A 36 5.32 1.51 -8.48
C PRO A 36 5.70 2.37 -7.28
N TYR A 37 6.96 2.29 -6.87
CA TYR A 37 7.46 3.07 -5.75
C TYR A 37 8.65 3.93 -6.15
N SER A 38 8.87 5.00 -5.41
CA SER A 38 9.98 5.92 -5.69
C SER A 38 10.54 6.49 -4.40
N CYS A 39 9.66 6.87 -3.49
CA CYS A 39 10.07 7.45 -2.21
C CYS A 39 10.32 6.36 -1.18
N ARG A 40 9.52 5.29 -1.24
CA ARG A 40 9.65 4.18 -0.31
C ARG A 40 9.99 4.68 1.09
N ALA A 41 9.34 5.77 1.51
CA ALA A 41 9.57 6.34 2.82
C ALA A 41 8.33 7.03 3.35
N GLY A 42 7.60 7.70 2.46
CA GLY A 42 6.38 8.39 2.85
C GLY A 42 6.35 9.82 2.38
N ALA A 43 6.15 10.01 1.08
CA ALA A 43 6.10 11.35 0.49
C ALA A 43 5.82 11.29 -1.00
N CYS A 44 4.94 10.38 -1.40
CA CYS A 44 4.60 10.22 -2.81
C CYS A 44 3.18 9.67 -2.95
N SER A 45 2.76 9.47 -4.20
CA SER A 45 1.43 8.95 -4.48
C SER A 45 1.46 7.93 -5.62
N THR A 46 2.67 7.52 -5.99
CA THR A 46 2.85 6.56 -7.07
C THR A 46 2.73 5.13 -6.55
N CYS A 47 2.99 4.94 -5.26
CA CYS A 47 2.91 3.62 -4.65
C CYS A 47 1.57 3.42 -3.96
N ALA A 48 0.84 4.53 -3.76
CA ALA A 48 -0.47 4.47 -3.13
C ALA A 48 -1.36 3.44 -3.80
N GLY A 49 -2.22 2.80 -3.01
CA GLY A 49 -3.12 1.79 -3.55
C GLY A 49 -4.51 1.89 -2.97
N LYS A 50 -5.53 1.75 -3.83
CA LYS A 50 -6.92 1.82 -3.40
C LYS A 50 -7.32 0.56 -2.65
N ILE A 51 -7.54 0.70 -1.34
CA ILE A 51 -7.94 -0.43 -0.51
C ILE A 51 -9.41 -0.34 -0.13
N THR A 52 -10.10 -1.48 -0.18
CA THR A 52 -11.52 -1.54 0.14
C THR A 52 -11.82 -2.70 1.08
N ALA A 53 -11.16 -3.84 0.84
CA ALA A 53 -11.36 -5.02 1.67
C ALA A 53 -10.21 -5.21 2.65
N GLY A 54 -10.26 -4.47 3.76
CA GLY A 54 -9.22 -4.56 4.76
C GLY A 54 -9.03 -3.27 5.53
N SER A 55 -7.80 -3.00 5.94
CA SER A 55 -7.50 -1.79 6.71
C SER A 55 -5.99 -1.63 6.89
N VAL A 56 -5.56 -0.39 7.09
CA VAL A 56 -4.14 -0.09 7.28
C VAL A 56 -3.95 1.15 8.15
N ASP A 57 -2.70 1.41 8.52
CA ASP A 57 -2.39 2.57 9.35
C ASP A 57 -1.28 3.41 8.72
N GLN A 58 -1.63 4.60 8.27
CA GLN A 58 -0.67 5.50 7.64
C GLN A 58 -0.64 6.85 8.33
N SER A 59 -0.11 6.88 9.54
CA SER A 59 -0.03 8.12 10.33
C SER A 59 1.33 8.77 10.16
N ASP A 60 2.07 8.34 9.14
CA ASP A 60 3.39 8.89 8.87
C ASP A 60 3.44 9.56 7.50
N GLN A 61 2.43 9.27 6.68
CA GLN A 61 2.35 9.84 5.34
C GLN A 61 2.50 11.36 5.39
N SER A 62 2.69 11.96 4.21
CA SER A 62 2.85 13.40 4.12
C SER A 62 2.34 13.92 2.78
N PHE A 63 1.50 13.13 2.13
CA PHE A 63 0.94 13.50 0.84
C PHE A 63 -0.58 13.61 0.92
N LEU A 64 -1.22 12.54 1.37
CA LEU A 64 -2.67 12.49 1.50
C LEU A 64 -3.14 13.44 2.61
N ASP A 65 -4.43 13.79 2.58
CA ASP A 65 -5.00 14.68 3.57
C ASP A 65 -6.14 13.99 4.32
N ASP A 66 -7.23 13.75 3.61
CA ASP A 66 -8.40 13.09 4.21
C ASP A 66 -9.29 12.47 3.13
N ASP A 67 -9.46 13.19 2.03
CA ASP A 67 -10.29 12.71 0.93
C ASP A 67 -9.67 11.47 0.29
N GLN A 68 -8.34 11.45 0.22
CA GLN A 68 -7.63 10.31 -0.36
C GLN A 68 -7.75 9.07 0.51
N ILE A 69 -7.37 9.21 1.77
CA ILE A 69 -7.45 8.10 2.71
C ILE A 69 -8.87 7.57 2.83
N GLU A 70 -9.85 8.44 2.60
CA GLU A 70 -11.25 8.05 2.68
C GLU A 70 -11.62 7.11 1.54
N ALA A 71 -11.34 7.55 0.31
CA ALA A 71 -11.64 6.74 -0.87
C ALA A 71 -11.07 5.33 -0.73
N GLY A 72 -9.91 5.23 -0.07
CA GLY A 72 -9.28 3.94 0.10
C GLY A 72 -7.81 3.96 -0.25
N TYR A 73 -7.38 5.03 -0.91
CA TYR A 73 -5.99 5.16 -1.32
C TYR A 73 -5.06 5.15 -0.11
N VAL A 74 -4.15 4.18 -0.07
CA VAL A 74 -3.21 4.06 1.03
C VAL A 74 -1.79 3.89 0.52
N LEU A 75 -0.85 4.66 1.11
CA LEU A 75 0.54 4.59 0.71
C LEU A 75 1.18 3.28 1.17
N THR A 76 1.53 2.43 0.21
CA THR A 76 2.15 1.14 0.51
C THR A 76 3.54 1.34 1.13
N CYS A 77 4.11 2.52 0.94
CA CYS A 77 5.43 2.82 1.48
C CYS A 77 5.33 3.24 2.94
N VAL A 78 4.10 3.44 3.42
CA VAL A 78 3.88 3.83 4.81
C VAL A 78 2.51 3.38 5.28
N ALA A 79 2.21 2.10 5.07
CA ALA A 79 0.92 1.54 5.49
C ALA A 79 1.12 0.36 6.43
N TYR A 80 0.42 0.38 7.55
CA TYR A 80 0.52 -0.69 8.54
C TYR A 80 -0.76 -1.53 8.58
N PRO A 81 -0.82 -2.53 7.70
CA PRO A 81 -1.97 -3.44 7.60
C PRO A 81 -2.09 -4.35 8.81
N THR A 82 -2.75 -3.86 9.86
CA THR A 82 -2.94 -4.63 11.08
C THR A 82 -3.62 -5.96 10.79
N SER A 83 -4.37 -6.01 9.69
CA SER A 83 -5.09 -7.22 9.30
C SER A 83 -5.04 -7.42 7.78
N ASP A 84 -5.46 -8.59 7.34
CA ASP A 84 -5.46 -8.91 5.91
C ASP A 84 -6.17 -7.82 5.12
N CYS A 85 -5.55 -7.38 4.03
CA CYS A 85 -6.11 -6.34 3.18
C CYS A 85 -5.63 -6.48 1.74
N THR A 86 -6.48 -6.13 0.79
CA THR A 86 -6.14 -6.22 -0.62
C THR A 86 -5.89 -4.84 -1.22
N ILE A 87 -4.63 -4.41 -1.22
CA ILE A 87 -4.27 -3.12 -1.77
C ILE A 87 -4.17 -3.16 -3.29
N GLU A 88 -4.82 -2.22 -3.95
CA GLU A 88 -4.80 -2.15 -5.41
C GLU A 88 -3.70 -1.21 -5.89
N THR A 89 -2.64 -1.79 -6.45
CA THR A 89 -1.52 -1.01 -6.94
C THR A 89 -1.90 -0.26 -8.23
N HIS A 90 -0.98 0.57 -8.72
CA HIS A 90 -1.22 1.33 -9.94
C HIS A 90 -2.45 2.22 -9.79
N LYS A 91 -2.52 2.96 -8.69
CA LYS A 91 -3.65 3.84 -8.43
C LYS A 91 -3.16 5.22 -8.00
N GLU A 92 -2.46 5.91 -8.89
CA GLU A 92 -1.94 7.24 -8.59
C GLU A 92 -2.69 8.30 -9.38
N GLU A 93 -3.02 7.99 -10.63
CA GLU A 93 -3.74 8.92 -11.49
C GLU A 93 -5.05 9.34 -10.86
N ASP A 94 -5.58 8.51 -9.96
CA ASP A 94 -6.82 8.80 -9.28
C ASP A 94 -6.78 10.19 -8.64
N LEU A 95 -5.64 10.55 -8.08
CA LEU A 95 -5.46 11.84 -7.44
C LEU A 95 -5.07 12.91 -8.46
N TYR A 96 -4.16 12.55 -9.36
CA TYR A 96 -3.69 13.47 -10.39
C TYR A 96 -4.80 13.77 -11.39
GA GA B . 5.52 6.22 -1.45
N ALA A 1 3.04 -11.16 13.61
CA ALA A 1 1.71 -10.59 13.41
C ALA A 1 1.51 -10.18 11.96
N SER A 2 2.22 -10.85 11.05
CA SER A 2 2.13 -10.54 9.63
C SER A 2 0.84 -11.10 9.03
N TYR A 3 0.11 -10.26 8.31
CA TYR A 3 -1.14 -10.67 7.68
C TYR A 3 -1.01 -10.67 6.16
N THR A 4 -1.74 -11.59 5.52
CA THR A 4 -1.72 -11.69 4.07
C THR A 4 -2.15 -10.38 3.41
N VAL A 5 -1.30 -9.86 2.52
CA VAL A 5 -1.60 -8.62 1.82
C VAL A 5 -1.72 -8.84 0.32
N LYS A 6 -2.95 -8.82 -0.18
CA LYS A 6 -3.19 -9.01 -1.61
C LYS A 6 -2.85 -7.76 -2.40
N LEU A 7 -1.79 -7.83 -3.19
CA LEU A 7 -1.36 -6.70 -4.00
C LEU A 7 -1.76 -6.90 -5.46
N ILE A 8 -2.92 -6.35 -5.82
CA ILE A 8 -3.42 -6.46 -7.19
C ILE A 8 -2.52 -5.68 -8.17
N THR A 9 -2.16 -6.34 -9.25
CA THR A 9 -1.31 -5.71 -10.27
C THR A 9 -1.68 -6.17 -11.67
N PRO A 10 -1.41 -5.31 -12.66
CA PRO A 10 -1.72 -5.61 -14.07
C PRO A 10 -0.84 -6.72 -14.63
N ASP A 11 0.17 -7.12 -13.87
CA ASP A 11 1.09 -8.17 -14.29
C ASP A 11 0.84 -9.45 -13.50
N GLY A 12 -0.31 -9.53 -12.85
CA GLY A 12 -0.66 -10.71 -12.07
C GLY A 12 -1.16 -10.36 -10.69
N GLU A 13 -1.37 -11.38 -9.86
CA GLU A 13 -1.86 -11.18 -8.51
C GLU A 13 -0.94 -11.84 -7.49
N SER A 14 -0.37 -11.04 -6.60
CA SER A 14 0.54 -11.55 -5.58
C SER A 14 -0.05 -11.34 -4.19
N SER A 15 0.53 -12.01 -3.20
CA SER A 15 0.07 -11.91 -1.82
C SER A 15 1.24 -12.04 -0.85
N ILE A 16 1.78 -10.91 -0.43
CA ILE A 16 2.90 -10.90 0.51
C ILE A 16 2.42 -10.65 1.93
N GLU A 17 3.16 -11.17 2.90
CA GLU A 17 2.81 -10.99 4.31
C GLU A 17 3.59 -9.85 4.92
N CYS A 18 2.86 -8.88 5.47
CA CYS A 18 3.49 -7.71 6.10
C CYS A 18 3.08 -7.58 7.56
N SER A 19 4.02 -7.19 8.40
CA SER A 19 3.75 -7.04 9.82
C SER A 19 3.19 -5.66 10.13
N ASP A 20 2.36 -5.58 11.17
CA ASP A 20 1.75 -4.32 11.57
C ASP A 20 2.81 -3.23 11.74
N ASP A 21 3.99 -3.64 12.19
CA ASP A 21 5.09 -2.70 12.39
C ASP A 21 6.02 -2.66 11.18
N THR A 22 5.43 -2.80 9.99
CA THR A 22 6.19 -2.79 8.75
C THR A 22 5.36 -2.23 7.61
N TYR A 23 6.01 -1.97 6.48
CA TYR A 23 5.34 -1.43 5.31
C TYR A 23 5.11 -2.52 4.27
N ILE A 24 3.95 -2.49 3.63
CA ILE A 24 3.61 -3.47 2.61
C ILE A 24 4.67 -3.51 1.51
N LEU A 25 5.13 -2.32 1.09
CA LEU A 25 6.13 -2.21 0.05
C LEU A 25 7.44 -2.88 0.49
N ASP A 26 7.87 -2.57 1.71
CA ASP A 26 9.09 -3.14 2.26
C ASP A 26 9.10 -4.65 2.13
N ALA A 27 7.93 -5.27 2.30
CA ALA A 27 7.80 -6.72 2.21
C ALA A 27 7.67 -7.16 0.76
N ALA A 28 7.23 -6.24 -0.10
CA ALA A 28 7.05 -6.54 -1.52
C ALA A 28 8.40 -6.51 -2.25
N GLU A 29 9.06 -5.35 -2.20
CA GLU A 29 10.34 -5.19 -2.87
C GLU A 29 11.34 -6.24 -2.39
N GLU A 30 11.18 -6.69 -1.15
CA GLU A 30 12.06 -7.69 -0.58
C GLU A 30 11.79 -9.07 -1.18
N ALA A 31 10.56 -9.26 -1.65
CA ALA A 31 10.17 -10.54 -2.25
C ALA A 31 10.31 -10.49 -3.77
N GLY A 32 10.29 -9.28 -4.33
CA GLY A 32 10.43 -9.13 -5.76
C GLY A 32 9.08 -8.99 -6.46
N LEU A 33 8.24 -8.10 -5.94
CA LEU A 33 6.92 -7.87 -6.53
C LEU A 33 6.99 -6.85 -7.66
N ASP A 34 8.01 -6.00 -7.62
CA ASP A 34 8.19 -4.98 -8.65
C ASP A 34 7.01 -4.01 -8.66
N LEU A 35 7.08 -2.98 -7.82
CA LEU A 35 6.02 -1.99 -7.74
C LEU A 35 6.50 -0.64 -8.28
N PRO A 36 5.54 0.23 -8.61
CA PRO A 36 5.84 1.57 -9.14
C PRO A 36 6.44 2.49 -8.08
N TYR A 37 6.55 1.98 -6.85
CA TYR A 37 7.11 2.76 -5.75
C TYR A 37 8.35 3.53 -6.20
N SER A 38 8.64 4.62 -5.50
CA SER A 38 9.79 5.46 -5.81
C SER A 38 10.43 6.00 -4.55
N CYS A 39 9.60 6.43 -3.61
CA CYS A 39 10.10 6.99 -2.35
C CYS A 39 10.25 5.88 -1.30
N ARG A 40 9.34 4.91 -1.33
CA ARG A 40 9.37 3.80 -0.38
C ARG A 40 9.78 4.28 1.00
N ALA A 41 9.20 5.40 1.43
CA ALA A 41 9.50 5.97 2.74
C ALA A 41 8.32 6.75 3.29
N GLY A 42 7.63 7.46 2.41
CA GLY A 42 6.48 8.24 2.82
C GLY A 42 6.54 9.68 2.33
N ALA A 43 6.33 9.87 1.03
CA ALA A 43 6.37 11.19 0.43
C ALA A 43 6.00 11.14 -1.04
N CYS A 44 5.04 10.29 -1.38
CA CYS A 44 4.59 10.15 -2.76
C CYS A 44 3.22 9.49 -2.82
N SER A 45 2.70 9.32 -4.04
CA SER A 45 1.39 8.71 -4.23
C SER A 45 1.42 7.72 -5.38
N THR A 46 2.62 7.46 -5.90
CA THR A 46 2.79 6.52 -7.00
C THR A 46 2.62 5.08 -6.54
N CYS A 47 2.87 4.86 -5.25
CA CYS A 47 2.75 3.51 -4.68
C CYS A 47 1.39 3.34 -4.00
N ALA A 48 0.66 4.44 -3.83
CA ALA A 48 -0.65 4.40 -3.21
C ALA A 48 -1.53 3.34 -3.85
N GLY A 49 -2.32 2.64 -3.03
CA GLY A 49 -3.19 1.61 -3.54
C GLY A 49 -4.60 1.71 -2.97
N LYS A 50 -5.59 1.60 -3.84
CA LYS A 50 -6.98 1.68 -3.42
C LYS A 50 -7.40 0.41 -2.67
N ILE A 51 -7.61 0.56 -1.37
CA ILE A 51 -8.01 -0.57 -0.54
C ILE A 51 -9.47 -0.47 -0.13
N THR A 52 -10.19 -1.59 -0.21
CA THR A 52 -11.60 -1.61 0.15
C THR A 52 -11.91 -2.76 1.12
N ALA A 53 -11.25 -3.89 0.90
CA ALA A 53 -11.45 -5.05 1.75
C ALA A 53 -10.26 -5.25 2.69
N GLY A 54 -10.24 -4.49 3.78
CA GLY A 54 -9.15 -4.59 4.74
C GLY A 54 -9.00 -3.34 5.57
N SER A 55 -7.76 -3.06 6.00
CA SER A 55 -7.48 -1.89 6.81
C SER A 55 -5.98 -1.68 6.97
N VAL A 56 -5.57 -0.43 7.14
CA VAL A 56 -4.16 -0.11 7.31
C VAL A 56 -3.99 1.16 8.15
N ASP A 57 -2.75 1.41 8.57
CA ASP A 57 -2.45 2.59 9.38
C ASP A 57 -1.33 3.41 8.75
N GLN A 58 -1.67 4.62 8.31
CA GLN A 58 -0.69 5.50 7.69
C GLN A 58 -0.71 6.88 8.35
N SER A 59 -0.18 6.96 9.56
CA SER A 59 -0.13 8.22 10.30
C SER A 59 1.19 8.93 10.08
N ASP A 60 2.04 8.35 9.22
CA ASP A 60 3.34 8.94 8.93
C ASP A 60 3.37 9.50 7.51
N GLN A 61 2.37 9.15 6.72
CA GLN A 61 2.28 9.64 5.34
C GLN A 61 2.32 11.17 5.30
N SER A 62 2.31 11.72 4.08
CA SER A 62 2.35 13.16 3.91
C SER A 62 1.56 13.58 2.67
N PHE A 63 1.71 12.81 1.60
CA PHE A 63 1.00 13.10 0.34
C PHE A 63 -0.50 13.09 0.56
N LEU A 64 -1.06 11.92 0.81
CA LEU A 64 -2.50 11.77 1.03
C LEU A 64 -2.94 12.61 2.23
N ASP A 65 -4.19 12.42 2.63
CA ASP A 65 -4.75 13.17 3.76
C ASP A 65 -6.17 12.69 4.08
N ASP A 66 -6.86 13.46 4.91
CA ASP A 66 -8.23 13.12 5.30
C ASP A 66 -9.11 12.93 4.07
N ASP A 67 -8.70 13.54 2.96
CA ASP A 67 -9.46 13.45 1.71
C ASP A 67 -9.07 12.19 0.95
N GLN A 68 -7.79 12.07 0.62
CA GLN A 68 -7.29 10.92 -0.12
C GLN A 68 -7.55 9.62 0.64
N ILE A 69 -7.04 9.55 1.87
CA ILE A 69 -7.23 8.37 2.70
C ILE A 69 -8.70 7.97 2.78
N GLU A 70 -9.58 8.96 2.68
CA GLU A 70 -11.01 8.72 2.74
C GLU A 70 -11.46 7.86 1.56
N ALA A 71 -11.07 8.26 0.35
CA ALA A 71 -11.44 7.53 -0.85
C ALA A 71 -11.09 6.05 -0.73
N GLY A 72 -9.94 5.77 -0.11
CA GLY A 72 -9.51 4.39 0.07
C GLY A 72 -8.07 4.17 -0.34
N TYR A 73 -7.45 5.22 -0.88
CA TYR A 73 -6.06 5.13 -1.32
C TYR A 73 -5.11 5.16 -0.13
N VAL A 74 -4.27 4.14 -0.02
CA VAL A 74 -3.31 4.04 1.07
C VAL A 74 -1.90 3.86 0.54
N LEU A 75 -0.96 4.62 1.09
CA LEU A 75 0.44 4.54 0.69
C LEU A 75 1.09 3.27 1.18
N THR A 76 1.46 2.39 0.24
CA THR A 76 2.09 1.12 0.58
C THR A 76 3.46 1.34 1.20
N CYS A 77 4.04 2.51 0.95
CA CYS A 77 5.35 2.84 1.48
C CYS A 77 5.25 3.30 2.93
N VAL A 78 4.03 3.49 3.41
CA VAL A 78 3.80 3.92 4.78
C VAL A 78 2.43 3.46 5.28
N ALA A 79 2.13 2.17 5.07
CA ALA A 79 0.86 1.60 5.49
C ALA A 79 1.08 0.43 6.45
N TYR A 80 0.36 0.43 7.56
CA TYR A 80 0.47 -0.63 8.55
C TYR A 80 -0.78 -1.50 8.57
N PRO A 81 -0.81 -2.51 7.69
CA PRO A 81 -1.94 -3.43 7.58
C PRO A 81 -2.05 -4.36 8.79
N THR A 82 -2.74 -3.89 9.83
CA THR A 82 -2.93 -4.66 11.04
C THR A 82 -3.61 -6.00 10.75
N SER A 83 -4.31 -6.06 9.62
CA SER A 83 -5.01 -7.27 9.22
C SER A 83 -4.97 -7.45 7.71
N ASP A 84 -5.39 -8.62 7.25
CA ASP A 84 -5.39 -8.94 5.83
C ASP A 84 -6.10 -7.84 5.04
N CYS A 85 -5.59 -7.54 3.85
CA CYS A 85 -6.17 -6.51 3.01
C CYS A 85 -5.75 -6.68 1.55
N THR A 86 -6.59 -6.23 0.63
CA THR A 86 -6.30 -6.35 -0.80
C THR A 86 -6.01 -4.99 -1.41
N ILE A 87 -4.78 -4.51 -1.21
CA ILE A 87 -4.36 -3.22 -1.75
C ILE A 87 -4.16 -3.30 -3.26
N GLU A 88 -4.83 -2.41 -3.99
CA GLU A 88 -4.72 -2.38 -5.44
C GLU A 88 -3.68 -1.35 -5.88
N THR A 89 -2.52 -1.83 -6.33
CA THR A 89 -1.45 -0.96 -6.78
C THR A 89 -1.82 -0.25 -8.07
N HIS A 90 -0.89 0.55 -8.59
CA HIS A 90 -1.13 1.29 -9.82
C HIS A 90 -2.36 2.19 -9.70
N LYS A 91 -2.62 2.64 -8.48
CA LYS A 91 -3.76 3.51 -8.22
C LYS A 91 -3.30 4.91 -7.82
N GLU A 92 -2.68 5.62 -8.77
CA GLU A 92 -2.19 6.97 -8.52
C GLU A 92 -2.64 7.92 -9.62
N GLU A 93 -3.72 7.56 -10.31
CA GLU A 93 -4.25 8.39 -11.38
C GLU A 93 -5.52 9.10 -10.95
N ASP A 94 -6.11 8.64 -9.85
CA ASP A 94 -7.33 9.24 -9.32
C ASP A 94 -7.06 10.62 -8.73
N LEU A 95 -5.80 10.87 -8.42
CA LEU A 95 -5.39 12.15 -7.83
C LEU A 95 -4.90 13.11 -8.92
N TYR A 96 -4.23 12.56 -9.93
CA TYR A 96 -3.72 13.36 -11.03
C TYR A 96 -4.76 13.54 -12.12
GA GA B . 5.50 6.21 -1.55
#